data_4ZTN
#
_entry.id   4ZTN
#
_cell.length_a   142.890
_cell.length_b   139.180
_cell.length_c   87.600
_cell.angle_alpha   90.000
_cell.angle_beta   125.280
_cell.angle_gamma   90.000
#
_symmetry.space_group_name_H-M   'C 1 2 1'
#
loop_
_entity.id
_entity.type
_entity.pdbx_description
1 polymer 'Interleukin-1 receptor-associated kinase 4'
2 non-polymer 5-(1,3-benzothiazol-2-yl)-2-(morpholin-4-yl)-6-[(3R)-piperidin-3-ylamino]pyrimidin-4(3H)-one
3 water water
#
_entity_poly.entity_id   1
_entity_poly.type   'polypeptide(L)'
_entity_poly.pdbx_seq_one_letter_code
;VSDTRFHSFSFYELKNVTNNFDERPISVGGNKMGEGGFGVVYKGYVNNTTVAVKKLAAMVDITTEELKQQFDQEIKVMAK
CQHENLVELLGFSSDGDDLCLVYVYMPNGSLLDRLSCLDGTPPLSWHMRCKIAQGAANGINFLHENHHIHRDIKSANILL
DEAFTAKISDFGLARASEKFAQ(TPO)VM(TPO)(SEP)RIVGTTAYMAPEALRGEITPKSDIYSFGVVLLEIITGLPAV
DEHREPQLLLDIKEEIEDEEKTIEDYIDKKMNDADSTSVEAMYSVASQCLHEKKNKRPDIKKVQQLLQEMTAS
;
_entity_poly.pdbx_strand_id   A,B,C,D
#
loop_
_chem_comp.id
_chem_comp.type
_chem_comp.name
_chem_comp.formula
4S3 non-polymer 5-(1,3-benzothiazol-2-yl)-2-(morpholin-4-yl)-6-[(3R)-piperidin-3-ylamino]pyrimidin-4(3H)-one 'C20 H24 N6 O2 S'
#
# COMPACT_ATOMS: atom_id res chain seq x y z
N THR A 4 24.56 -24.46 -32.75
CA THR A 4 25.05 -23.67 -31.61
C THR A 4 25.66 -24.59 -30.54
N ARG A 5 26.83 -24.17 -29.99
CA ARG A 5 27.58 -24.91 -28.96
C ARG A 5 27.57 -24.19 -27.62
N PHE A 6 27.49 -24.98 -26.53
CA PHE A 6 27.43 -24.48 -25.16
C PHE A 6 28.69 -24.71 -24.34
N HIS A 7 28.86 -23.82 -23.35
CA HIS A 7 29.93 -23.84 -22.37
C HIS A 7 29.71 -25.07 -21.46
N SER A 8 30.79 -25.78 -21.15
CA SER A 8 30.78 -26.93 -20.25
C SER A 8 31.18 -26.43 -18.86
N PHE A 9 30.23 -26.33 -17.94
CA PHE A 9 30.49 -25.85 -16.58
C PHE A 9 30.95 -26.97 -15.68
N SER A 10 31.77 -26.61 -14.69
CA SER A 10 32.25 -27.49 -13.65
C SER A 10 31.14 -27.63 -12.61
N PHE A 11 30.84 -28.87 -12.16
CA PHE A 11 29.82 -29.14 -11.14
C PHE A 11 30.10 -28.38 -9.83
N TYR A 12 31.38 -28.33 -9.42
CA TYR A 12 31.80 -27.68 -8.18
C TYR A 12 31.68 -26.15 -8.26
N GLU A 13 31.70 -25.58 -9.48
CA GLU A 13 31.48 -24.14 -9.68
C GLU A 13 29.97 -23.88 -9.48
N LEU A 14 29.13 -24.79 -10.02
CA LEU A 14 27.67 -24.69 -9.93
C LEU A 14 27.19 -24.93 -8.50
N LYS A 15 27.85 -25.88 -7.79
CA LYS A 15 27.58 -26.20 -6.39
C LYS A 15 27.92 -24.98 -5.50
N ASN A 16 29.05 -24.32 -5.79
CA ASN A 16 29.53 -23.16 -5.04
C ASN A 16 28.65 -21.90 -5.19
N VAL A 17 28.19 -21.60 -6.41
CA VAL A 17 27.38 -20.38 -6.66
C VAL A 17 25.92 -20.52 -6.21
N THR A 18 25.42 -21.77 -6.03
CA THR A 18 24.04 -22.03 -5.56
C THR A 18 24.00 -22.39 -4.04
N ASN A 19 25.09 -22.12 -3.27
CA ASN A 19 25.22 -22.42 -1.84
C ASN A 19 24.97 -23.91 -1.57
N ASN A 20 25.76 -24.76 -2.24
CA ASN A 20 25.71 -26.22 -2.15
C ASN A 20 24.31 -26.79 -2.48
N PHE A 21 23.63 -26.18 -3.48
CA PHE A 21 22.29 -26.59 -3.94
C PHE A 21 21.30 -26.61 -2.78
N ASP A 22 21.12 -25.44 -2.17
CA ASP A 22 20.27 -25.24 -0.99
C ASP A 22 18.78 -25.49 -1.28
N GLU A 23 18.14 -26.37 -0.49
CA GLU A 23 16.71 -26.69 -0.63
C GLU A 23 15.83 -25.53 -0.12
N ARG A 24 16.38 -24.67 0.78
CA ARG A 24 15.68 -23.53 1.36
C ARG A 24 15.24 -22.52 0.26
N PRO A 25 14.10 -21.79 0.44
CA PRO A 25 13.66 -20.86 -0.61
C PRO A 25 14.30 -19.46 -0.57
N ILE A 26 13.77 -18.55 -1.40
CA ILE A 26 14.16 -17.14 -1.56
C ILE A 26 14.27 -16.33 -0.24
N SER A 27 13.27 -16.42 0.67
CA SER A 27 13.22 -15.57 1.88
C SER A 27 14.24 -15.88 2.99
N VAL A 28 14.33 -17.14 3.46
CA VAL A 28 15.20 -17.49 4.59
C VAL A 28 16.72 -17.37 4.28
N GLY A 29 17.13 -17.55 3.01
CA GLY A 29 18.55 -17.45 2.60
C GLY A 29 19.06 -18.59 1.69
N GLY A 30 18.17 -19.48 1.18
CA GLY A 30 18.55 -20.56 0.28
C GLY A 30 18.49 -20.10 -1.17
N ASN A 31 18.52 -21.06 -2.11
CA ASN A 31 18.54 -20.79 -3.54
C ASN A 31 17.46 -21.50 -4.37
N LYS A 32 16.63 -22.41 -3.78
CA LYS A 32 15.60 -23.14 -4.53
C LYS A 32 14.56 -22.20 -5.15
N MET A 33 14.24 -22.44 -6.45
CA MET A 33 13.30 -21.64 -7.24
C MET A 33 12.07 -22.43 -7.72
N GLY A 34 12.04 -23.76 -7.55
CA GLY A 34 10.92 -24.59 -7.97
C GLY A 34 11.41 -25.97 -8.45
N GLU A 35 10.52 -26.97 -8.43
CA GLU A 35 10.85 -28.33 -8.86
C GLU A 35 9.66 -29.00 -9.55
N GLY A 36 9.81 -30.28 -9.94
CA GLY A 36 8.75 -31.05 -10.58
C GLY A 36 9.13 -31.42 -12.01
N GLY A 37 9.79 -30.49 -12.75
CA GLY A 37 10.22 -30.73 -14.13
C GLY A 37 11.45 -31.64 -14.20
N PHE A 38 11.37 -32.84 -13.57
CA PHE A 38 12.43 -33.84 -13.50
C PHE A 38 13.75 -33.29 -12.92
N GLY A 39 13.65 -32.31 -12.00
CA GLY A 39 14.81 -31.70 -11.37
C GLY A 39 14.42 -30.49 -10.57
N VAL A 40 15.39 -29.89 -9.86
CA VAL A 40 15.17 -28.70 -9.02
C VAL A 40 15.97 -27.55 -9.61
N VAL A 41 15.35 -26.38 -9.73
CA VAL A 41 15.98 -25.17 -10.27
C VAL A 41 16.47 -24.32 -9.09
N TYR A 42 17.76 -23.95 -9.10
CA TYR A 42 18.40 -23.16 -8.05
C TYR A 42 18.90 -21.85 -8.62
N LYS A 43 18.84 -20.76 -7.83
CA LYS A 43 19.38 -19.47 -8.23
C LYS A 43 20.90 -19.52 -8.02
N GLY A 44 21.67 -18.85 -8.88
CA GLY A 44 23.13 -18.79 -8.76
C GLY A 44 23.70 -17.57 -9.47
N TYR A 45 24.95 -17.21 -9.16
CA TYR A 45 25.64 -16.11 -9.80
C TYR A 45 26.98 -16.60 -10.35
N VAL A 46 27.09 -16.75 -11.70
CA VAL A 46 28.31 -17.23 -12.37
C VAL A 46 28.76 -16.27 -13.49
N ASN A 47 30.10 -16.15 -13.68
CA ASN A 47 30.78 -15.31 -14.68
C ASN A 47 30.08 -13.95 -14.90
N ASN A 48 29.88 -13.20 -13.79
CA ASN A 48 29.26 -11.88 -13.74
C ASN A 48 27.81 -11.85 -14.30
N THR A 49 26.97 -12.83 -13.90
CA THR A 49 25.57 -12.94 -14.34
C THR A 49 24.74 -13.73 -13.33
N THR A 50 23.43 -13.41 -13.19
CA THR A 50 22.51 -14.20 -12.36
C THR A 50 22.05 -15.34 -13.28
N VAL A 51 22.04 -16.57 -12.78
CA VAL A 51 21.64 -17.74 -13.57
C VAL A 51 20.67 -18.60 -12.80
N ALA A 52 20.02 -19.48 -13.53
CA ALA A 52 19.13 -20.52 -13.01
C ALA A 52 19.88 -21.81 -13.33
N VAL A 53 20.14 -22.65 -12.33
CA VAL A 53 20.87 -23.90 -12.51
C VAL A 53 19.90 -25.01 -12.19
N LYS A 54 19.53 -25.82 -13.19
CA LYS A 54 18.60 -26.92 -13.00
C LYS A 54 19.37 -28.21 -12.72
N LYS A 55 19.33 -28.67 -11.46
CA LYS A 55 19.94 -29.92 -11.06
C LYS A 55 18.89 -31.01 -11.26
N LEU A 56 19.14 -31.93 -12.19
CA LEU A 56 18.21 -33.01 -12.51
C LEU A 56 18.13 -34.06 -11.38
N ALA A 57 16.90 -34.59 -11.15
CA ALA A 57 16.63 -35.60 -10.10
C ALA A 57 15.36 -36.41 -10.43
CA ILE A 62 12.32 -42.50 -12.75
C ILE A 62 13.72 -43.12 -12.84
N THR A 63 14.05 -43.73 -14.01
CA THR A 63 15.36 -44.37 -14.25
C THR A 63 16.45 -43.30 -14.47
N THR A 64 17.69 -43.60 -14.03
CA THR A 64 18.85 -42.70 -14.17
C THR A 64 19.22 -42.53 -15.66
N GLU A 65 18.99 -43.59 -16.47
CA GLU A 65 19.25 -43.57 -17.92
C GLU A 65 18.21 -42.67 -18.64
N GLU A 66 16.92 -42.74 -18.23
CA GLU A 66 15.83 -41.93 -18.81
C GLU A 66 16.03 -40.45 -18.50
N LEU A 67 16.59 -40.13 -17.32
CA LEU A 67 16.90 -38.76 -16.90
C LEU A 67 18.11 -38.24 -17.72
N LYS A 68 19.07 -39.11 -18.07
CA LYS A 68 20.21 -38.74 -18.92
C LYS A 68 19.73 -38.51 -20.37
N GLN A 69 18.73 -39.30 -20.83
CA GLN A 69 18.14 -39.16 -22.16
C GLN A 69 17.51 -37.76 -22.30
N GLN A 70 16.74 -37.33 -21.28
CA GLN A 70 16.10 -36.01 -21.25
C GLN A 70 17.13 -34.88 -21.14
N PHE A 71 18.26 -35.12 -20.45
CA PHE A 71 19.33 -34.14 -20.34
C PHE A 71 19.93 -33.87 -21.73
N ASP A 72 20.24 -34.97 -22.47
CA ASP A 72 20.80 -34.90 -23.82
C ASP A 72 19.80 -34.30 -24.81
N GLN A 73 18.49 -34.62 -24.64
CA GLN A 73 17.40 -34.10 -25.48
C GLN A 73 17.29 -32.58 -25.29
N GLU A 74 17.34 -32.08 -24.05
CA GLU A 74 17.24 -30.64 -23.77
C GLU A 74 18.34 -29.86 -24.46
N ILE A 75 19.59 -30.36 -24.39
CA ILE A 75 20.74 -29.70 -25.03
C ILE A 75 20.59 -29.78 -26.55
N LYS A 76 20.15 -30.94 -27.10
CA LYS A 76 19.93 -31.14 -28.55
C LYS A 76 18.93 -30.11 -29.06
N VAL A 77 17.77 -30.02 -28.40
CA VAL A 77 16.71 -29.09 -28.79
C VAL A 77 17.21 -27.65 -28.65
N MET A 78 17.86 -27.29 -27.55
CA MET A 78 18.38 -25.94 -27.32
C MET A 78 19.50 -25.56 -28.30
N ALA A 79 20.32 -26.54 -28.75
CA ALA A 79 21.40 -26.32 -29.71
C ALA A 79 20.82 -25.95 -31.06
N LYS A 80 19.68 -26.58 -31.43
CA LYS A 80 18.99 -26.32 -32.70
C LYS A 80 17.99 -25.16 -32.63
N CYS A 81 17.40 -24.91 -31.44
CA CYS A 81 16.34 -23.93 -31.25
C CYS A 81 16.69 -22.74 -30.35
N GLN A 82 16.97 -21.58 -30.98
CA GLN A 82 17.25 -20.31 -30.30
C GLN A 82 16.15 -19.35 -30.75
N HIS A 83 15.39 -18.79 -29.79
CA HIS A 83 14.30 -17.87 -30.11
C HIS A 83 14.04 -16.99 -28.89
N GLU A 84 13.53 -15.76 -29.08
CA GLU A 84 13.27 -14.89 -27.93
C GLU A 84 12.16 -15.41 -26.99
N ASN A 85 11.31 -16.37 -27.44
CA ASN A 85 10.26 -16.93 -26.59
C ASN A 85 10.58 -18.35 -26.11
N LEU A 86 11.87 -18.71 -26.07
CA LEU A 86 12.32 -19.98 -25.48
C LEU A 86 13.37 -19.58 -24.45
N VAL A 87 13.47 -20.31 -23.33
CA VAL A 87 14.51 -20.02 -22.34
C VAL A 87 15.87 -20.23 -23.00
N GLU A 88 16.87 -19.47 -22.60
CA GLU A 88 18.20 -19.60 -23.17
C GLU A 88 19.10 -20.44 -22.28
N LEU A 89 19.64 -21.52 -22.87
CA LEU A 89 20.57 -22.39 -22.20
C LEU A 89 21.94 -21.76 -22.39
N LEU A 90 22.64 -21.51 -21.27
CA LEU A 90 23.99 -20.95 -21.29
C LEU A 90 25.05 -22.07 -21.23
N GLY A 91 24.70 -23.24 -20.65
CA GLY A 91 25.63 -24.35 -20.58
C GLY A 91 25.07 -25.52 -19.83
N PHE A 92 25.96 -26.45 -19.46
CA PHE A 92 25.58 -27.69 -18.76
C PHE A 92 26.75 -28.24 -17.96
N SER A 93 26.49 -29.32 -17.21
CA SER A 93 27.50 -30.02 -16.42
C SER A 93 27.15 -31.50 -16.34
N SER A 94 28.08 -32.38 -16.78
CA SER A 94 27.98 -33.85 -16.72
C SER A 94 29.04 -34.48 -15.78
N ASP A 95 30.09 -33.72 -15.44
CA ASP A 95 31.24 -34.18 -14.63
C ASP A 95 30.88 -34.65 -13.20
N GLY A 96 30.07 -33.88 -12.46
CA GLY A 96 29.74 -34.21 -11.08
C GLY A 96 28.74 -35.35 -10.91
N ASP A 97 28.21 -35.48 -9.68
CA ASP A 97 27.25 -36.54 -9.31
C ASP A 97 25.89 -36.35 -9.98
N ASP A 98 25.37 -35.10 -9.95
CA ASP A 98 24.07 -34.75 -10.53
C ASP A 98 24.24 -33.94 -11.83
N LEU A 99 23.36 -34.22 -12.82
CA LEU A 99 23.36 -33.54 -14.11
C LEU A 99 22.76 -32.14 -13.92
N CYS A 100 23.48 -31.08 -14.42
CA CYS A 100 23.07 -29.68 -14.29
C CYS A 100 22.91 -28.99 -15.64
N LEU A 101 21.87 -28.16 -15.77
CA LEU A 101 21.61 -27.35 -16.96
C LEU A 101 21.57 -25.90 -16.50
N VAL A 102 22.36 -25.02 -17.12
CA VAL A 102 22.44 -23.62 -16.73
C VAL A 102 21.73 -22.72 -17.75
N TYR A 103 20.85 -21.83 -17.27
CA TYR A 103 20.06 -20.94 -18.12
C TYR A 103 20.18 -19.51 -17.69
N VAL A 104 19.66 -18.60 -18.52
CA VAL A 104 19.54 -17.20 -18.17
C VAL A 104 18.46 -17.17 -17.08
N TYR A 105 18.73 -16.44 -15.99
CA TYR A 105 17.80 -16.32 -14.86
C TYR A 105 16.51 -15.61 -15.31
N MET A 106 15.35 -16.13 -14.88
CA MET A 106 14.02 -15.61 -15.22
C MET A 106 13.48 -15.00 -13.93
N PRO A 107 13.67 -13.66 -13.73
CA PRO A 107 13.31 -13.02 -12.46
C PRO A 107 11.84 -13.08 -12.05
N ASN A 108 10.92 -13.33 -13.01
CA ASN A 108 9.51 -13.33 -12.68
C ASN A 108 8.93 -14.73 -12.62
N GLY A 109 9.79 -15.75 -12.43
CA GLY A 109 9.35 -17.13 -12.25
C GLY A 109 8.50 -17.64 -13.39
N SER A 110 7.52 -18.49 -13.06
CA SER A 110 6.62 -19.07 -14.03
C SER A 110 5.30 -18.32 -14.13
N LEU A 111 4.59 -18.54 -15.24
CA LEU A 111 3.27 -17.97 -15.47
C LEU A 111 2.30 -18.53 -14.40
N LEU A 112 2.44 -19.81 -14.00
CA LEU A 112 1.58 -20.40 -12.97
C LEU A 112 1.72 -19.64 -11.66
N ASP A 113 2.98 -19.38 -11.24
CA ASP A 113 3.28 -18.63 -10.01
C ASP A 113 2.65 -17.24 -10.05
N ARG A 114 2.75 -16.55 -11.20
CA ARG A 114 2.25 -15.19 -11.36
C ARG A 114 0.75 -15.14 -11.46
N LEU A 115 0.12 -16.18 -12.05
CA LEU A 115 -1.34 -16.24 -12.10
C LEU A 115 -1.91 -16.53 -10.71
N SER A 116 -1.17 -17.22 -9.86
CA SER A 116 -1.64 -17.50 -8.52
C SER A 116 -1.15 -16.44 -7.51
N CYS A 117 -0.42 -15.39 -7.97
CA CYS A 117 0.14 -14.31 -7.14
C CYS A 117 0.97 -14.87 -6.01
N LEU A 118 1.74 -15.92 -6.30
CA LEU A 118 2.60 -16.58 -5.33
C LEU A 118 3.60 -15.60 -4.70
N ASP A 119 3.78 -15.70 -3.37
CA ASP A 119 4.71 -14.87 -2.59
C ASP A 119 4.39 -13.37 -2.62
N GLY A 120 3.11 -12.99 -2.79
CA GLY A 120 2.70 -11.58 -2.70
C GLY A 120 2.87 -10.76 -3.95
N THR A 121 3.16 -11.38 -5.11
CA THR A 121 3.34 -10.59 -6.33
C THR A 121 1.98 -10.03 -6.79
N PRO A 122 1.95 -8.84 -7.40
CA PRO A 122 0.67 -8.29 -7.86
C PRO A 122 0.09 -9.10 -9.03
N PRO A 123 -1.26 -9.16 -9.17
CA PRO A 123 -1.87 -9.86 -10.31
C PRO A 123 -1.38 -9.32 -11.65
N LEU A 124 -1.33 -10.17 -12.68
CA LEU A 124 -0.93 -9.73 -14.02
C LEU A 124 -2.13 -9.01 -14.63
N SER A 125 -1.88 -7.92 -15.31
CA SER A 125 -2.91 -7.16 -15.99
C SER A 125 -3.30 -7.91 -17.26
N TRP A 126 -4.47 -7.59 -17.81
CA TRP A 126 -4.91 -8.16 -19.08
C TRP A 126 -3.90 -7.82 -20.19
N HIS A 127 -3.38 -6.59 -20.18
CA HIS A 127 -2.37 -6.15 -21.16
C HIS A 127 -1.15 -7.07 -21.11
N MET A 128 -0.64 -7.36 -19.91
CA MET A 128 0.50 -8.28 -19.76
C MET A 128 0.11 -9.72 -20.18
N ARG A 129 -1.08 -10.17 -19.80
CA ARG A 129 -1.56 -11.52 -20.16
C ARG A 129 -1.62 -11.73 -21.70
N CYS A 130 -2.08 -10.71 -22.47
CA CYS A 130 -2.13 -10.75 -23.95
C CYS A 130 -0.74 -10.88 -24.54
N LYS A 131 0.23 -10.10 -24.02
CA LYS A 131 1.63 -10.19 -24.47
C LYS A 131 2.20 -11.58 -24.16
N ILE A 132 1.88 -12.13 -22.98
CA ILE A 132 2.38 -13.44 -22.59
C ILE A 132 1.78 -14.53 -23.49
N ALA A 133 0.48 -14.46 -23.80
CA ALA A 133 -0.20 -15.44 -24.66
C ALA A 133 0.42 -15.41 -26.07
N GLN A 134 0.64 -14.21 -26.62
CA GLN A 134 1.27 -14.03 -27.93
C GLN A 134 2.70 -14.53 -27.93
N GLY A 135 3.48 -14.18 -26.90
CA GLY A 135 4.86 -14.64 -26.81
C GLY A 135 4.94 -16.16 -26.71
N ALA A 136 4.10 -16.79 -25.88
CA ALA A 136 4.12 -18.25 -25.72
C ALA A 136 3.76 -18.96 -27.08
N ALA A 137 2.79 -18.40 -27.82
CA ALA A 137 2.37 -18.92 -29.14
C ALA A 137 3.52 -18.78 -30.16
N ASN A 138 4.29 -17.68 -30.07
CA ASN A 138 5.47 -17.47 -30.94
C ASN A 138 6.55 -18.51 -30.64
N GLY A 139 6.72 -18.89 -29.36
CA GLY A 139 7.68 -19.90 -28.96
C GLY A 139 7.26 -21.29 -29.46
N ILE A 140 5.96 -21.64 -29.36
CA ILE A 140 5.46 -22.95 -29.83
C ILE A 140 5.56 -22.99 -31.37
N ASN A 141 5.31 -21.86 -32.05
CA ASN A 141 5.41 -21.78 -33.50
C ASN A 141 6.82 -22.09 -33.95
N PHE A 142 7.81 -21.50 -33.29
CA PHE A 142 9.20 -21.74 -33.59
C PHE A 142 9.55 -23.22 -33.41
N LEU A 143 9.04 -23.87 -32.35
CA LEU A 143 9.29 -25.29 -32.13
C LEU A 143 8.66 -26.16 -33.22
N HIS A 144 7.40 -25.86 -33.62
CA HIS A 144 6.70 -26.64 -34.64
C HIS A 144 7.30 -26.41 -36.03
N GLU A 145 7.74 -25.17 -36.33
CA GLU A 145 8.45 -24.85 -37.59
C GLU A 145 9.74 -25.67 -37.70
N ASN A 146 10.42 -25.93 -36.57
CA ASN A 146 11.64 -26.73 -36.52
C ASN A 146 11.33 -28.22 -36.22
N HIS A 147 10.09 -28.67 -36.46
CA HIS A 147 9.62 -30.04 -36.32
C HIS A 147 9.87 -30.65 -34.95
N HIS A 148 9.60 -29.88 -33.87
CA HIS A 148 9.72 -30.36 -32.50
C HIS A 148 8.37 -30.31 -31.83
N ILE A 149 8.05 -31.33 -31.05
CA ILE A 149 6.82 -31.43 -30.28
C ILE A 149 7.29 -31.30 -28.85
N HIS A 150 6.80 -30.28 -28.12
CA HIS A 150 7.19 -30.03 -26.73
C HIS A 150 6.76 -31.17 -25.79
N ARG A 151 5.47 -31.55 -25.84
CA ARG A 151 4.85 -32.62 -25.03
C ARG A 151 4.54 -32.26 -23.55
N ASP A 152 4.86 -31.03 -23.10
CA ASP A 152 4.52 -30.64 -21.73
C ASP A 152 4.26 -29.13 -21.64
N ILE A 153 3.42 -28.63 -22.55
CA ILE A 153 3.02 -27.23 -22.56
C ILE A 153 2.08 -27.02 -21.36
N LYS A 154 2.45 -26.12 -20.45
CA LYS A 154 1.65 -25.78 -19.30
C LYS A 154 2.18 -24.47 -18.73
N SER A 155 1.40 -23.77 -17.90
CA SER A 155 1.81 -22.50 -17.33
C SER A 155 3.07 -22.60 -16.44
N ALA A 156 3.29 -23.74 -15.76
CA ALA A 156 4.52 -23.92 -14.96
C ALA A 156 5.77 -23.96 -15.88
N ASN A 157 5.61 -24.30 -17.19
CA ASN A 157 6.69 -24.34 -18.18
C ASN A 157 6.74 -23.09 -19.08
N ILE A 158 6.04 -21.99 -18.72
CA ILE A 158 6.12 -20.73 -19.43
C ILE A 158 6.74 -19.79 -18.40
N LEU A 159 8.01 -19.41 -18.60
CA LEU A 159 8.72 -18.54 -17.67
C LEU A 159 8.69 -17.13 -18.14
N LEU A 160 8.87 -16.21 -17.18
CA LEU A 160 8.73 -14.78 -17.38
C LEU A 160 10.04 -14.06 -17.04
N ASP A 161 10.56 -13.30 -17.99
CA ASP A 161 11.83 -12.61 -17.82
C ASP A 161 11.64 -11.23 -17.15
N GLU A 162 12.71 -10.46 -17.11
CA GLU A 162 12.79 -9.09 -16.58
C GLU A 162 11.73 -8.14 -17.14
N ALA A 163 11.16 -8.43 -18.32
CA ALA A 163 10.13 -7.62 -18.97
C ALA A 163 8.81 -8.39 -19.10
N PHE A 164 8.62 -9.51 -18.37
CA PHE A 164 7.44 -10.41 -18.45
C PHE A 164 7.25 -10.99 -19.88
N THR A 165 8.35 -11.17 -20.63
CA THR A 165 8.34 -11.82 -21.95
C THR A 165 8.19 -13.33 -21.66
N ALA A 166 7.27 -14.01 -22.37
CA ALA A 166 7.04 -15.44 -22.16
C ALA A 166 8.18 -16.24 -22.76
N LYS A 167 8.74 -17.17 -21.99
CA LYS A 167 9.84 -18.03 -22.40
C LYS A 167 9.44 -19.48 -22.15
N ILE A 168 9.24 -20.28 -23.22
CA ILE A 168 8.89 -21.71 -23.12
C ILE A 168 10.14 -22.42 -22.55
N SER A 169 9.94 -23.35 -21.61
CA SER A 169 11.03 -24.09 -20.97
C SER A 169 10.72 -25.58 -20.93
N ASP A 170 11.67 -26.39 -20.45
CA ASP A 170 11.55 -27.84 -20.28
C ASP A 170 11.36 -28.58 -21.60
N PHE A 171 12.49 -28.82 -22.30
CA PHE A 171 12.53 -29.58 -23.57
C PHE A 171 13.09 -31.00 -23.36
N GLY A 172 13.06 -31.53 -22.11
CA GLY A 172 13.55 -32.87 -21.80
C GLY A 172 12.70 -33.97 -22.49
N LEU A 173 11.36 -33.80 -22.48
CA LEU A 173 10.42 -34.74 -23.09
C LEU A 173 10.15 -34.41 -24.58
N ALA A 174 10.78 -33.36 -25.14
CA ALA A 174 10.53 -32.95 -26.54
C ALA A 174 10.87 -34.04 -27.56
N ARG A 175 10.11 -34.11 -28.66
CA ARG A 175 10.30 -35.10 -29.73
C ARG A 175 10.35 -34.47 -31.11
N ALA A 176 11.32 -34.90 -31.95
CA ALA A 176 11.46 -34.40 -33.32
C ALA A 176 10.48 -35.16 -34.26
N SER A 177 9.82 -34.43 -35.17
CA SER A 177 8.86 -34.96 -36.14
C SER A 177 9.31 -34.59 -37.58
N GLU A 178 10.61 -34.77 -37.87
CA GLU A 178 11.19 -34.46 -39.18
N TPO A 183 1.96 -39.06 -37.19
CA TPO A 183 1.60 -39.35 -35.81
CB TPO A 183 0.08 -39.25 -35.52
CG2 TPO A 183 -0.29 -39.55 -34.05
OG1 TPO A 183 -0.32 -37.89 -35.72
P TPO A 183 -1.17 -37.60 -36.98
O1P TPO A 183 -0.38 -37.86 -38.28
O2P TPO A 183 -1.52 -36.10 -36.87
O3P TPO A 183 -2.47 -38.42 -37.04
C TPO A 183 2.24 -40.66 -35.35
O TPO A 183 1.97 -41.72 -35.92
N VAL A 184 3.06 -40.58 -34.30
CA VAL A 184 3.81 -41.70 -33.71
C VAL A 184 3.02 -42.18 -32.48
N MET A 185 3.33 -43.37 -31.97
CA MET A 185 2.74 -43.95 -30.77
C MET A 185 3.88 -44.26 -29.78
N TPO A 186 3.59 -44.21 -28.47
CA TPO A 186 4.57 -44.50 -27.42
CB TPO A 186 5.31 -43.23 -26.80
CG2 TPO A 186 4.33 -42.29 -26.00
OG1 TPO A 186 6.40 -43.57 -25.89
P TPO A 186 7.82 -43.83 -26.48
O1P TPO A 186 7.80 -45.34 -26.70
O2P TPO A 186 8.12 -43.09 -27.79
O3P TPO A 186 8.85 -43.53 -25.41
C TPO A 186 4.00 -45.37 -26.29
O TPO A 186 2.80 -45.32 -26.01
N SEP A 187 4.88 -46.14 -25.63
CA SEP A 187 4.54 -46.97 -24.49
CB SEP A 187 5.23 -48.32 -24.45
OG SEP A 187 6.60 -48.27 -24.89
C SEP A 187 4.74 -46.17 -23.19
O SEP A 187 4.12 -46.49 -22.17
P SEP A 187 7.14 -49.72 -25.07
O1P SEP A 187 8.64 -49.55 -25.47
O2P SEP A 187 6.41 -50.47 -26.21
O3P SEP A 187 7.04 -50.56 -23.76
N ARG A 188 5.60 -45.11 -23.22
CA ARG A 188 5.86 -44.25 -22.07
C ARG A 188 5.06 -42.93 -22.25
N ILE A 189 3.84 -42.90 -21.70
CA ILE A 189 2.96 -41.73 -21.76
C ILE A 189 3.47 -40.72 -20.73
N VAL A 190 3.89 -39.52 -21.19
CA VAL A 190 4.43 -38.46 -20.34
C VAL A 190 3.69 -37.14 -20.57
N GLY A 191 3.76 -36.26 -19.58
CA GLY A 191 3.11 -34.95 -19.62
C GLY A 191 2.31 -34.74 -18.33
N THR A 192 1.50 -33.68 -18.32
CA THR A 192 0.67 -33.31 -17.16
C THR A 192 -0.78 -33.48 -17.51
N THR A 193 -1.42 -34.45 -16.87
CA THR A 193 -2.79 -34.91 -17.08
C THR A 193 -3.81 -33.81 -17.36
N ALA A 194 -3.84 -32.78 -16.48
CA ALA A 194 -4.80 -31.68 -16.58
C ALA A 194 -4.67 -30.83 -17.87
N TYR A 195 -3.51 -30.89 -18.55
CA TYR A 195 -3.24 -30.18 -19.79
C TYR A 195 -3.22 -31.09 -21.02
N MET A 196 -3.28 -32.41 -20.87
CA MET A 196 -3.10 -33.31 -22.00
C MET A 196 -4.32 -33.51 -22.88
N ALA A 197 -4.08 -33.54 -24.21
CA ALA A 197 -5.11 -33.87 -25.21
C ALA A 197 -5.50 -35.36 -25.02
N PRO A 198 -6.74 -35.76 -25.40
CA PRO A 198 -7.13 -37.19 -25.26
C PRO A 198 -6.16 -38.16 -25.97
N GLU A 199 -5.73 -37.82 -27.20
CA GLU A 199 -4.81 -38.69 -27.94
C GLU A 199 -3.44 -38.81 -27.26
N ALA A 200 -2.93 -37.72 -26.61
CA ALA A 200 -1.66 -37.77 -25.88
C ALA A 200 -1.78 -38.67 -24.64
N LEU A 201 -2.96 -38.68 -24.01
CA LEU A 201 -3.22 -39.56 -22.86
C LEU A 201 -3.29 -41.04 -23.29
N ARG A 202 -3.47 -41.31 -24.59
CA ARG A 202 -3.51 -42.66 -25.14
C ARG A 202 -2.18 -43.11 -25.78
N GLY A 203 -1.13 -42.27 -25.76
CA GLY A 203 0.17 -42.67 -26.31
C GLY A 203 0.52 -42.04 -27.65
N GLU A 204 -0.40 -41.30 -28.30
CA GLU A 204 -0.06 -40.66 -29.58
C GLU A 204 0.89 -39.49 -29.36
N ILE A 205 1.77 -39.25 -30.34
CA ILE A 205 2.74 -38.14 -30.32
C ILE A 205 2.47 -37.30 -31.57
N THR A 206 1.99 -36.05 -31.38
CA THR A 206 1.66 -35.16 -32.49
C THR A 206 1.74 -33.70 -32.01
N PRO A 207 2.10 -32.73 -32.91
CA PRO A 207 2.14 -31.32 -32.50
C PRO A 207 0.73 -30.79 -32.18
N LYS A 208 -0.33 -31.50 -32.62
CA LYS A 208 -1.73 -31.13 -32.34
C LYS A 208 -2.03 -31.22 -30.83
N SER A 209 -1.28 -32.05 -30.09
CA SER A 209 -1.43 -32.19 -28.65
C SER A 209 -0.90 -30.93 -27.93
N ASP A 210 0.15 -30.27 -28.48
CA ASP A 210 0.72 -29.04 -27.93
C ASP A 210 -0.29 -27.89 -28.05
N ILE A 211 -1.07 -27.88 -29.15
CA ILE A 211 -2.12 -26.88 -29.40
C ILE A 211 -3.21 -27.03 -28.32
N TYR A 212 -3.63 -28.27 -28.02
CA TYR A 212 -4.65 -28.55 -27.01
C TYR A 212 -4.21 -28.05 -25.64
N SER A 213 -2.97 -28.37 -25.24
CA SER A 213 -2.36 -27.97 -23.97
C SER A 213 -2.25 -26.45 -23.88
N PHE A 214 -1.96 -25.78 -25.01
CA PHE A 214 -1.90 -24.32 -25.06
C PHE A 214 -3.31 -23.72 -24.86
N GLY A 215 -4.37 -24.41 -25.30
CA GLY A 215 -5.76 -24.01 -25.10
C GLY A 215 -6.08 -23.98 -23.61
N VAL A 216 -5.55 -24.96 -22.83
CA VAL A 216 -5.72 -25.00 -21.37
C VAL A 216 -4.96 -23.80 -20.75
N VAL A 217 -3.74 -23.50 -21.24
CA VAL A 217 -2.93 -22.37 -20.76
C VAL A 217 -3.72 -21.06 -20.96
N LEU A 218 -4.39 -20.91 -22.11
CA LEU A 218 -5.19 -19.71 -22.42
C LEU A 218 -6.36 -19.56 -21.44
N LEU A 219 -7.00 -20.68 -21.02
CA LEU A 219 -8.09 -20.62 -20.03
C LEU A 219 -7.53 -20.21 -18.67
N GLU A 220 -6.35 -20.72 -18.29
CA GLU A 220 -5.71 -20.32 -17.03
C GLU A 220 -5.42 -18.79 -17.07
N ILE A 221 -4.98 -18.26 -18.21
CA ILE A 221 -4.69 -16.83 -18.40
C ILE A 221 -5.96 -15.96 -18.21
N ILE A 222 -7.09 -16.40 -18.85
CA ILE A 222 -8.36 -15.67 -18.75
C ILE A 222 -8.93 -15.67 -17.33
N THR A 223 -8.91 -16.83 -16.69
CA THR A 223 -9.56 -17.07 -15.40
C THR A 223 -8.68 -16.94 -14.18
N GLY A 224 -7.36 -17.10 -14.32
CA GLY A 224 -6.46 -17.13 -13.18
C GLY A 224 -6.62 -18.43 -12.36
N LEU A 225 -7.40 -19.41 -12.84
CA LEU A 225 -7.65 -20.66 -12.13
C LEU A 225 -6.66 -21.73 -12.58
N PRO A 226 -6.17 -22.59 -11.66
CA PRO A 226 -5.24 -23.67 -12.08
C PRO A 226 -5.98 -24.74 -12.93
N ALA A 227 -5.23 -25.44 -13.80
CA ALA A 227 -5.77 -26.49 -14.69
C ALA A 227 -6.51 -27.58 -13.93
N VAL A 228 -6.04 -27.87 -12.73
CA VAL A 228 -6.70 -28.82 -11.84
C VAL A 228 -6.69 -28.28 -10.41
N ASP A 229 -7.81 -28.41 -9.72
CA ASP A 229 -7.95 -28.02 -8.32
C ASP A 229 -8.83 -29.08 -7.65
N GLU A 230 -8.23 -29.83 -6.72
CA GLU A 230 -8.91 -30.88 -5.95
C GLU A 230 -10.14 -30.35 -5.20
N HIS A 231 -10.06 -29.12 -4.65
CA HIS A 231 -11.16 -28.47 -3.92
C HIS A 231 -11.90 -27.43 -4.83
N ARG A 232 -12.43 -27.90 -5.98
CA ARG A 232 -13.17 -27.05 -6.94
C ARG A 232 -14.14 -27.88 -7.79
N GLU A 233 -15.15 -27.24 -8.41
CA GLU A 233 -16.13 -27.85 -9.30
C GLU A 233 -16.31 -26.93 -10.52
N PRO A 234 -15.92 -27.37 -11.75
CA PRO A 234 -15.27 -28.64 -12.10
C PRO A 234 -13.84 -28.66 -11.59
N GLN A 235 -13.34 -29.85 -11.24
CA GLN A 235 -11.97 -29.99 -10.76
C GLN A 235 -10.99 -29.66 -11.90
N LEU A 236 -11.37 -29.97 -13.17
CA LEU A 236 -10.54 -29.73 -14.36
C LEU A 236 -11.04 -28.52 -15.14
N LEU A 237 -10.15 -27.55 -15.37
CA LEU A 237 -10.47 -26.30 -16.08
C LEU A 237 -11.03 -26.51 -17.48
N LEU A 238 -10.52 -27.49 -18.27
CA LEU A 238 -11.04 -27.76 -19.63
C LEU A 238 -12.57 -28.03 -19.67
N ASP A 239 -13.17 -28.52 -18.58
CA ASP A 239 -14.62 -28.71 -18.48
C ASP A 239 -15.43 -27.39 -18.57
N ILE A 240 -14.82 -26.18 -18.30
CA ILE A 240 -15.58 -24.93 -18.42
C ILE A 240 -15.99 -24.69 -19.90
N LYS A 241 -15.22 -25.23 -20.86
CA LYS A 241 -15.57 -25.12 -22.28
C LYS A 241 -17.00 -25.68 -22.54
N GLU A 242 -17.36 -26.76 -21.83
CA GLU A 242 -18.66 -27.43 -21.98
C GLU A 242 -19.74 -26.65 -21.22
N GLU A 243 -19.44 -26.20 -19.96
CA GLU A 243 -20.37 -25.36 -19.16
C GLU A 243 -20.76 -24.08 -19.91
N ILE A 244 -19.84 -23.52 -20.69
CA ILE A 244 -20.08 -22.33 -21.49
C ILE A 244 -20.83 -22.68 -22.79
N GLU A 245 -20.40 -23.75 -23.51
CA GLU A 245 -21.07 -24.19 -24.75
C GLU A 245 -22.50 -24.68 -24.52
N ASP A 246 -22.75 -25.40 -23.40
CA ASP A 246 -24.09 -25.87 -23.03
C ASP A 246 -24.72 -24.80 -22.11
N GLU A 247 -24.69 -23.53 -22.62
CA GLU A 247 -25.07 -22.18 -22.11
C GLU A 247 -25.62 -22.12 -20.67
N GLU A 248 -24.92 -22.78 -19.74
CA GLU A 248 -25.23 -22.75 -18.32
C GLU A 248 -24.54 -21.47 -17.76
N LYS A 249 -23.39 -21.08 -18.39
CA LYS A 249 -22.58 -19.94 -18.01
C LYS A 249 -22.01 -19.27 -19.28
N THR A 250 -21.22 -18.20 -19.10
CA THR A 250 -20.51 -17.49 -20.16
C THR A 250 -19.04 -17.25 -19.73
N ILE A 251 -18.14 -16.92 -20.67
CA ILE A 251 -16.74 -16.70 -20.33
C ILE A 251 -16.60 -15.46 -19.39
N GLU A 252 -17.50 -14.46 -19.47
CA GLU A 252 -17.54 -13.30 -18.55
C GLU A 252 -17.73 -13.73 -17.08
N ASP A 253 -18.43 -14.85 -16.82
CA ASP A 253 -18.60 -15.38 -15.46
C ASP A 253 -17.31 -16.00 -14.92
N TYR A 254 -16.33 -16.30 -15.80
CA TYR A 254 -15.07 -16.94 -15.44
C TYR A 254 -13.85 -16.01 -15.51
N ILE A 255 -13.97 -14.78 -16.06
CA ILE A 255 -12.84 -13.83 -16.15
C ILE A 255 -12.21 -13.64 -14.77
N ASP A 256 -10.88 -13.64 -14.72
CA ASP A 256 -10.16 -13.41 -13.46
C ASP A 256 -10.61 -12.01 -12.88
N LYS A 257 -11.16 -12.01 -11.66
CA LYS A 257 -11.58 -10.80 -10.95
C LYS A 257 -10.37 -9.97 -10.50
N LYS A 258 -9.15 -10.55 -10.51
CA LYS A 258 -7.94 -9.85 -10.11
C LYS A 258 -7.35 -8.97 -11.24
N MET A 259 -8.16 -8.48 -12.18
CA MET A 259 -7.76 -7.59 -13.27
C MET A 259 -8.69 -6.39 -13.25
N ASN A 260 -8.20 -5.21 -13.65
CA ASN A 260 -9.03 -4.00 -13.81
C ASN A 260 -9.13 -3.55 -15.29
N ASP A 261 -8.26 -4.08 -16.19
CA ASP A 261 -8.15 -3.65 -17.58
C ASP A 261 -8.60 -4.66 -18.63
N ALA A 262 -9.34 -5.71 -18.24
CA ALA A 262 -9.80 -6.71 -19.22
C ALA A 262 -11.10 -6.27 -19.89
N ASP A 263 -11.11 -6.13 -21.21
CA ASP A 263 -12.35 -5.79 -21.93
C ASP A 263 -12.97 -7.08 -22.50
N SER A 264 -14.30 -7.15 -22.51
CA SER A 264 -15.07 -8.31 -22.97
C SER A 264 -14.74 -8.75 -24.38
N THR A 265 -14.51 -7.81 -25.30
CA THR A 265 -14.21 -8.13 -26.69
C THR A 265 -12.90 -8.92 -26.84
N SER A 266 -11.79 -8.44 -26.25
CA SER A 266 -10.50 -9.16 -26.37
C SER A 266 -10.51 -10.46 -25.54
N VAL A 267 -11.19 -10.50 -24.39
CA VAL A 267 -11.31 -11.73 -23.60
C VAL A 267 -12.05 -12.80 -24.44
N GLU A 268 -13.16 -12.41 -25.08
CA GLU A 268 -13.94 -13.31 -25.94
C GLU A 268 -13.13 -13.75 -27.15
N ALA A 269 -12.27 -12.87 -27.68
CA ALA A 269 -11.40 -13.23 -28.79
C ALA A 269 -10.36 -14.26 -28.30
N MET A 270 -9.79 -14.11 -27.06
CA MET A 270 -8.82 -15.09 -26.55
C MET A 270 -9.55 -16.40 -26.23
N TYR A 271 -10.77 -16.34 -25.66
CA TYR A 271 -11.55 -17.53 -25.34
C TYR A 271 -11.89 -18.33 -26.61
N SER A 272 -12.21 -17.64 -27.70
CA SER A 272 -12.52 -18.29 -28.98
C SER A 272 -11.30 -19.08 -29.47
N VAL A 273 -10.07 -18.53 -29.32
CA VAL A 273 -8.84 -19.22 -29.70
C VAL A 273 -8.70 -20.47 -28.82
N ALA A 274 -8.89 -20.32 -27.51
CA ALA A 274 -8.79 -21.41 -26.54
C ALA A 274 -9.78 -22.54 -26.86
N SER A 275 -11.05 -22.17 -27.16
CA SER A 275 -12.11 -23.12 -27.49
C SER A 275 -11.73 -23.95 -28.73
N GLN A 276 -11.24 -23.28 -29.78
CA GLN A 276 -10.77 -23.95 -31.00
C GLN A 276 -9.60 -24.91 -30.70
N CYS A 277 -8.64 -24.47 -29.87
CA CYS A 277 -7.48 -25.28 -29.43
C CYS A 277 -7.93 -26.53 -28.71
N LEU A 278 -9.00 -26.41 -27.92
CA LEU A 278 -9.53 -27.51 -27.11
C LEU A 278 -10.52 -28.45 -27.83
N HIS A 279 -10.57 -28.43 -29.18
CA HIS A 279 -11.44 -29.38 -29.92
C HIS A 279 -10.94 -30.79 -29.61
N GLU A 280 -11.84 -31.71 -29.19
CA GLU A 280 -11.43 -33.08 -28.82
C GLU A 280 -10.86 -33.89 -29.99
N LYS A 281 -11.26 -33.58 -31.23
CA LYS A 281 -10.73 -34.21 -32.42
C LYS A 281 -9.49 -33.40 -32.84
N LYS A 282 -8.30 -34.01 -32.74
CA LYS A 282 -7.02 -33.40 -33.10
C LYS A 282 -6.97 -32.70 -34.47
N ASN A 283 -7.61 -33.27 -35.49
CA ASN A 283 -7.60 -32.71 -36.86
C ASN A 283 -8.46 -31.46 -37.02
N LYS A 284 -9.42 -31.23 -36.10
CA LYS A 284 -10.29 -30.06 -36.12
C LYS A 284 -9.64 -28.83 -35.44
N ARG A 285 -8.55 -29.02 -34.69
CA ARG A 285 -7.87 -27.93 -34.01
C ARG A 285 -7.08 -27.10 -35.01
N PRO A 286 -6.88 -25.80 -34.73
CA PRO A 286 -6.06 -24.98 -35.63
C PRO A 286 -4.58 -25.34 -35.46
N ASP A 287 -3.76 -25.03 -36.45
CA ASP A 287 -2.33 -25.26 -36.31
C ASP A 287 -1.78 -24.01 -35.54
N ILE A 288 -0.53 -24.08 -35.08
CA ILE A 288 0.04 -22.98 -34.29
C ILE A 288 0.10 -21.63 -35.05
N LYS A 289 0.31 -21.64 -36.39
CA LYS A 289 0.37 -20.40 -37.18
C LYS A 289 -0.99 -19.70 -37.14
N LYS A 290 -2.08 -20.45 -37.18
CA LYS A 290 -3.42 -19.88 -37.09
C LYS A 290 -3.67 -19.33 -35.66
N VAL A 291 -3.25 -20.06 -34.62
CA VAL A 291 -3.40 -19.62 -33.22
C VAL A 291 -2.65 -18.27 -33.05
N GLN A 292 -1.40 -18.23 -33.55
CA GLN A 292 -0.54 -17.05 -33.53
C GLN A 292 -1.20 -15.86 -34.26
N GLN A 293 -1.83 -16.13 -35.43
CA GLN A 293 -2.54 -15.10 -36.22
C GLN A 293 -3.73 -14.55 -35.44
N LEU A 294 -4.55 -15.45 -34.88
CA LEU A 294 -5.73 -15.05 -34.12
C LEU A 294 -5.38 -14.22 -32.87
N LEU A 295 -4.29 -14.58 -32.16
CA LEU A 295 -3.83 -13.83 -30.99
C LEU A 295 -3.30 -12.44 -31.40
N GLN A 296 -2.69 -12.31 -32.58
CA GLN A 296 -2.23 -10.99 -33.08
C GLN A 296 -3.42 -10.08 -33.42
N GLU A 297 -4.47 -10.63 -34.04
CA GLU A 297 -5.70 -9.89 -34.41
C GLU A 297 -6.48 -9.42 -33.19
N MET A 298 -6.36 -10.15 -32.06
CA MET A 298 -7.02 -9.82 -30.79
C MET A 298 -6.53 -8.47 -30.23
N THR A 299 -5.24 -8.11 -30.45
CA THR A 299 -4.68 -6.83 -29.99
C THR A 299 -4.62 -5.76 -31.12
N ALA A 300 -4.81 -6.17 -32.40
CA ALA A 300 -4.81 -5.25 -33.56
CA SER B 2 -11.68 1.42 39.21
C SER B 2 -11.74 2.68 38.37
N ASP B 3 -12.76 2.81 37.49
CA ASP B 3 -12.93 3.99 36.63
C ASP B 3 -13.65 5.17 37.34
N THR B 4 -13.87 5.07 38.66
CA THR B 4 -14.58 6.06 39.48
C THR B 4 -13.71 6.65 40.62
N ARG B 5 -12.44 6.19 40.79
CA ARG B 5 -11.59 6.60 41.91
C ARG B 5 -10.22 7.14 41.48
N PHE B 6 -9.64 8.04 42.31
CA PHE B 6 -8.29 8.57 42.13
C PHE B 6 -7.34 7.65 42.92
N HIS B 7 -6.59 6.79 42.22
CA HIS B 7 -5.72 5.78 42.85
C HIS B 7 -4.39 6.37 43.34
N SER B 8 -4.06 6.22 44.64
CA SER B 8 -2.75 6.62 45.14
C SER B 8 -1.84 5.43 44.84
N PHE B 9 -0.97 5.58 43.83
CA PHE B 9 -0.07 4.50 43.41
C PHE B 9 1.20 4.45 44.22
N SER B 10 1.76 3.25 44.29
CA SER B 10 3.02 2.95 44.91
C SER B 10 4.07 3.18 43.82
N PHE B 11 5.19 3.84 44.16
CA PHE B 11 6.26 4.08 43.18
C PHE B 11 6.76 2.79 42.54
N TYR B 12 6.82 1.70 43.33
CA TYR B 12 7.26 0.39 42.85
C TYR B 12 6.27 -0.26 41.89
N GLU B 13 4.96 0.07 41.99
CA GLU B 13 3.96 -0.43 41.04
C GLU B 13 4.19 0.27 39.69
N LEU B 14 4.44 1.59 39.73
CA LEU B 14 4.70 2.37 38.52
C LEU B 14 6.05 2.02 37.91
N LYS B 15 7.07 1.72 38.75
CA LYS B 15 8.39 1.30 38.28
C LYS B 15 8.29 -0.06 37.57
N ASN B 16 7.48 -0.98 38.13
CA ASN B 16 7.27 -2.30 37.56
C ASN B 16 6.54 -2.25 36.22
N VAL B 17 5.38 -1.55 36.18
CA VAL B 17 4.53 -1.50 34.98
C VAL B 17 5.15 -0.73 33.79
N THR B 18 6.23 0.06 33.99
CA THR B 18 6.95 0.78 32.92
C THR B 18 8.32 0.11 32.60
N ASN B 19 8.59 -1.11 33.16
CA ASN B 19 9.85 -1.85 33.01
C ASN B 19 11.03 -1.01 33.49
N ASN B 20 10.96 -0.63 34.78
CA ASN B 20 11.94 0.19 35.50
C ASN B 20 12.19 1.56 34.83
N PHE B 21 11.11 2.17 34.30
CA PHE B 21 11.14 3.47 33.62
C PHE B 21 12.15 3.48 32.47
N ASP B 22 11.89 2.61 31.49
CA ASP B 22 12.71 2.40 30.29
C ASP B 22 12.66 3.62 29.35
N GLU B 23 13.83 4.28 29.11
CA GLU B 23 13.95 5.48 28.27
C GLU B 23 14.02 5.22 26.73
N ARG B 24 13.70 3.98 26.27
CA ARG B 24 13.69 3.65 24.83
C ARG B 24 12.27 3.83 24.26
N PRO B 25 12.11 4.28 22.99
CA PRO B 25 10.78 4.47 22.41
C PRO B 25 10.05 3.16 22.07
N ILE B 26 8.70 3.17 22.15
CA ILE B 26 7.88 1.97 21.89
C ILE B 26 7.84 1.68 20.39
N SER B 27 8.59 0.67 19.96
CA SER B 27 8.67 0.26 18.56
C SER B 27 8.93 -1.24 18.46
N VAL B 28 10.01 -1.71 19.10
CA VAL B 28 10.40 -3.14 19.17
C VAL B 28 10.31 -3.71 20.61
N GLY B 29 10.39 -2.84 21.65
CA GLY B 29 10.26 -3.27 23.05
C GLY B 29 10.63 -2.16 24.04
N GLY B 30 10.18 -0.91 23.78
CA GLY B 30 10.47 0.25 24.63
C GLY B 30 9.23 0.70 25.39
N ASN B 31 9.38 1.73 26.25
CA ASN B 31 8.28 2.30 27.04
C ASN B 31 8.13 3.82 26.96
N LYS B 32 9.22 4.58 26.71
CA LYS B 32 9.15 6.04 26.59
C LYS B 32 8.29 6.46 25.38
N MET B 33 7.49 7.50 25.58
CA MET B 33 6.64 8.11 24.56
C MET B 33 7.11 9.53 24.24
N GLY B 34 7.76 10.17 25.21
CA GLY B 34 8.32 11.49 25.04
C GLY B 34 8.81 12.08 26.32
N GLU B 35 9.23 13.33 26.24
CA GLU B 35 9.75 14.08 27.38
C GLU B 35 9.70 15.57 27.05
N GLY B 36 10.20 16.42 27.95
CA GLY B 36 10.27 17.87 27.72
C GLY B 36 9.33 18.64 28.63
N GLY B 37 8.09 18.13 28.84
CA GLY B 37 7.10 18.78 29.71
C GLY B 37 7.43 18.58 31.19
N PHE B 38 8.67 18.94 31.61
CA PHE B 38 9.19 18.81 32.98
C PHE B 38 9.08 17.36 33.53
N GLY B 39 9.15 16.37 32.64
CA GLY B 39 9.05 14.96 33.00
C GLY B 39 9.05 14.08 31.78
N VAL B 40 9.22 12.77 31.99
CA VAL B 40 9.27 11.76 30.93
C VAL B 40 7.96 10.98 30.99
N VAL B 41 7.29 10.82 29.86
CA VAL B 41 6.02 10.12 29.80
C VAL B 41 6.26 8.70 29.28
N TYR B 42 5.93 7.68 30.10
CA TYR B 42 6.12 6.27 29.77
C TYR B 42 4.79 5.53 29.62
N LYS B 43 4.73 4.58 28.66
CA LYS B 43 3.56 3.70 28.48
C LYS B 43 3.63 2.64 29.60
N GLY B 44 2.50 2.36 30.26
CA GLY B 44 2.42 1.39 31.34
C GLY B 44 1.16 0.58 31.21
N TYR B 45 0.99 -0.44 32.06
CA TYR B 45 -0.21 -1.29 32.08
C TYR B 45 -0.63 -1.58 33.52
N VAL B 46 -1.74 -1.00 33.96
CA VAL B 46 -2.31 -1.23 35.29
C VAL B 46 -3.55 -2.10 35.03
N ASN B 47 -3.48 -3.40 35.41
CA ASN B 47 -4.55 -4.41 35.28
C ASN B 47 -5.44 -4.22 34.01
N ASN B 48 -4.87 -4.56 32.84
CA ASN B 48 -5.46 -4.49 31.49
C ASN B 48 -5.56 -3.05 30.88
N THR B 49 -5.59 -1.97 31.70
CA THR B 49 -5.67 -0.57 31.26
C THR B 49 -4.30 -0.04 30.85
N THR B 50 -4.17 0.43 29.59
CA THR B 50 -2.92 1.08 29.17
C THR B 50 -2.95 2.47 29.80
N VAL B 51 -1.85 2.86 30.44
CA VAL B 51 -1.74 4.14 31.10
C VAL B 51 -0.52 4.86 30.63
N ALA B 52 -0.45 6.16 30.95
CA ALA B 52 0.67 7.01 30.62
C ALA B 52 1.17 7.51 31.97
N VAL B 53 2.42 7.19 32.34
CA VAL B 53 3.00 7.58 33.63
C VAL B 53 4.00 8.70 33.38
N LYS B 54 3.81 9.85 34.06
CA LYS B 54 4.68 11.01 33.92
C LYS B 54 5.64 11.10 35.10
N LYS B 55 6.84 10.53 34.95
CA LYS B 55 7.87 10.60 35.98
C LYS B 55 8.58 11.95 35.80
N LEU B 56 8.32 12.91 36.71
CA LEU B 56 8.91 14.25 36.63
C LEU B 56 10.43 14.23 36.80
N ALA B 57 11.17 15.01 35.97
CA ALA B 57 12.63 15.08 35.98
CA LYS B 68 8.95 19.27 38.92
C LYS B 68 8.86 19.50 40.43
N GLN B 69 8.65 20.75 40.86
CA GLN B 69 8.56 21.11 42.28
C GLN B 69 7.11 21.12 42.75
N GLN B 70 6.28 22.03 42.20
CA GLN B 70 4.87 22.14 42.58
C GLN B 70 4.07 21.00 41.91
N PHE B 71 4.15 19.81 42.54
CA PHE B 71 3.48 18.58 42.09
C PHE B 71 2.00 18.61 42.41
N ASP B 72 1.62 19.18 43.58
CA ASP B 72 0.21 19.29 43.98
C ASP B 72 -0.60 20.23 43.06
N GLN B 73 0.08 21.10 42.28
CA GLN B 73 -0.56 22.01 41.31
C GLN B 73 -1.36 21.23 40.26
N GLU B 74 -0.72 20.24 39.62
CA GLU B 74 -1.37 19.42 38.59
C GLU B 74 -2.47 18.51 39.16
N ILE B 75 -2.30 17.98 40.40
CA ILE B 75 -3.30 17.10 41.03
C ILE B 75 -4.54 17.92 41.40
N LYS B 76 -4.34 19.12 41.97
CA LYS B 76 -5.44 20.00 42.37
C LYS B 76 -6.23 20.53 41.16
N VAL B 77 -5.53 20.95 40.09
CA VAL B 77 -6.19 21.44 38.87
C VAL B 77 -6.99 20.30 38.20
N MET B 78 -6.47 19.07 38.21
CA MET B 78 -7.16 17.92 37.61
C MET B 78 -8.35 17.44 38.43
N ALA B 79 -8.29 17.61 39.75
CA ALA B 79 -9.38 17.23 40.64
C ALA B 79 -10.56 18.17 40.43
N LYS B 80 -10.27 19.46 40.19
CA LYS B 80 -11.28 20.48 39.94
C LYS B 80 -11.74 20.51 38.48
N CYS B 81 -10.79 20.34 37.51
CA CYS B 81 -11.09 20.47 36.06
C CYS B 81 -11.18 19.10 35.35
N GLN B 82 -12.39 18.54 35.23
CA GLN B 82 -12.66 17.28 34.53
C GLN B 82 -13.51 17.64 33.32
N HIS B 83 -13.00 17.38 32.10
CA HIS B 83 -13.70 17.73 30.85
C HIS B 83 -13.31 16.76 29.75
N GLU B 84 -14.16 16.57 28.70
CA GLU B 84 -13.82 15.66 27.61
C GLU B 84 -12.64 16.13 26.73
N ASN B 85 -12.28 17.44 26.76
CA ASN B 85 -11.14 17.94 25.99
C ASN B 85 -9.94 18.26 26.85
N LEU B 86 -9.85 17.60 28.02
CA LEU B 86 -8.71 17.67 28.93
C LEU B 86 -8.25 16.23 29.14
N VAL B 87 -6.93 15.99 29.31
CA VAL B 87 -6.45 14.62 29.61
C VAL B 87 -7.00 14.21 30.98
N GLU B 88 -7.26 12.92 31.18
CA GLU B 88 -7.78 12.46 32.47
C GLU B 88 -6.65 11.90 33.35
N LEU B 89 -6.48 12.48 34.55
CA LEU B 89 -5.51 12.00 35.55
C LEU B 89 -6.18 10.85 36.33
N LEU B 90 -5.61 9.66 36.30
CA LEU B 90 -6.13 8.48 37.00
C LEU B 90 -5.58 8.40 38.43
N GLY B 91 -4.32 8.80 38.63
CA GLY B 91 -3.73 8.74 39.95
C GLY B 91 -2.41 9.48 40.06
N PHE B 92 -1.73 9.26 41.19
CA PHE B 92 -0.47 9.92 41.54
C PHE B 92 0.39 8.98 42.39
N SER B 93 1.64 9.38 42.68
CA SER B 93 2.55 8.62 43.54
C SER B 93 3.10 9.55 44.62
N SER B 94 2.55 9.40 45.86
CA SER B 94 2.91 10.18 47.06
C SER B 94 4.42 10.22 47.32
N ASP B 95 5.03 9.06 47.61
CA ASP B 95 6.46 8.94 47.90
C ASP B 95 7.20 8.15 46.82
N GLY B 96 8.52 8.01 46.98
CA GLY B 96 9.43 7.36 46.03
C GLY B 96 10.51 8.39 45.69
N ASP B 97 11.52 8.03 44.88
CA ASP B 97 12.59 8.99 44.54
C ASP B 97 12.09 10.04 43.54
N ASP B 98 11.31 9.63 42.53
CA ASP B 98 10.70 10.53 41.55
C ASP B 98 9.17 10.59 41.71
N LEU B 99 8.59 11.80 41.60
CA LEU B 99 7.14 12.02 41.71
C LEU B 99 6.50 11.63 40.36
N CYS B 100 5.38 10.87 40.39
CA CYS B 100 4.69 10.37 39.19
C CYS B 100 3.21 10.75 39.11
N LEU B 101 2.73 11.17 37.91
CA LEU B 101 1.31 11.45 37.62
C LEU B 101 0.89 10.39 36.62
N VAL B 102 -0.28 9.77 36.81
CA VAL B 102 -0.78 8.68 35.97
C VAL B 102 -2.03 9.14 35.21
N TYR B 103 -2.09 8.91 33.88
CA TYR B 103 -3.21 9.35 33.05
C TYR B 103 -3.74 8.24 32.21
N VAL B 104 -4.90 8.49 31.58
CA VAL B 104 -5.46 7.57 30.61
C VAL B 104 -4.51 7.67 29.41
N TYR B 105 -4.14 6.53 28.83
CA TYR B 105 -3.25 6.48 27.67
C TYR B 105 -3.94 7.09 26.44
N MET B 106 -3.22 7.94 25.73
CA MET B 106 -3.71 8.61 24.52
C MET B 106 -3.06 7.87 23.35
N PRO B 107 -3.78 6.88 22.72
CA PRO B 107 -3.17 6.09 21.65
C PRO B 107 -2.70 6.82 20.42
N ASN B 108 -3.16 8.06 20.16
CA ASN B 108 -2.74 8.78 18.97
C ASN B 108 -1.78 9.89 19.28
N GLY B 109 -1.12 9.84 20.46
CA GLY B 109 -0.07 10.77 20.84
C GLY B 109 -0.45 12.23 20.75
N SER B 110 0.54 13.09 20.42
CA SER B 110 0.29 14.52 20.34
C SER B 110 -0.08 14.98 18.95
N LEU B 111 -0.69 16.15 18.89
CA LEU B 111 -1.05 16.78 17.62
C LEU B 111 0.25 17.10 16.84
N LEU B 112 1.35 17.49 17.54
CA LEU B 112 2.61 17.77 16.88
C LEU B 112 3.12 16.51 16.15
N ASP B 113 3.11 15.35 16.82
CA ASP B 113 3.52 14.07 16.24
C ASP B 113 2.68 13.72 15.03
N ARG B 114 1.37 13.93 15.10
CA ARG B 114 0.47 13.59 14.00
C ARG B 114 0.59 14.56 12.85
N LEU B 115 0.88 15.86 13.13
CA LEU B 115 1.09 16.83 12.05
C LEU B 115 2.43 16.54 11.35
N SER B 116 3.40 15.96 12.05
CA SER B 116 4.67 15.63 11.44
C SER B 116 4.71 14.17 10.92
N CYS B 117 3.58 13.41 11.03
CA CYS B 117 3.46 12.02 10.58
C CYS B 117 4.52 11.14 11.19
N LEU B 118 4.83 11.39 12.46
CA LEU B 118 5.86 10.66 13.20
C LEU B 118 5.55 9.14 13.25
N ASP B 119 6.58 8.31 13.04
CA ASP B 119 6.49 6.85 13.06
C ASP B 119 5.57 6.25 11.98
N GLY B 120 5.41 6.94 10.83
CA GLY B 120 4.66 6.38 9.71
C GLY B 120 3.17 6.56 9.75
N THR B 121 2.64 7.40 10.64
CA THR B 121 1.20 7.59 10.69
C THR B 121 0.74 8.39 9.46
N PRO B 122 -0.48 8.13 8.93
CA PRO B 122 -0.93 8.90 7.78
C PRO B 122 -1.22 10.36 8.16
N PRO B 123 -1.08 11.31 7.21
CA PRO B 123 -1.42 12.71 7.50
C PRO B 123 -2.86 12.87 7.98
N LEU B 124 -3.12 13.86 8.86
CA LEU B 124 -4.47 14.12 9.33
C LEU B 124 -5.21 14.82 8.20
N SER B 125 -6.46 14.43 7.99
CA SER B 125 -7.28 15.06 6.98
C SER B 125 -7.73 16.42 7.51
N TRP B 126 -8.17 17.30 6.61
CA TRP B 126 -8.72 18.59 6.99
C TRP B 126 -9.94 18.39 7.91
N HIS B 127 -10.78 17.39 7.62
CA HIS B 127 -11.94 17.06 8.44
C HIS B 127 -11.51 16.77 9.91
N MET B 128 -10.49 15.92 10.12
N MET B 128 -10.47 15.90 10.09
CA MET B 128 -10.04 15.66 11.50
CA MET B 128 -9.93 15.57 11.41
C MET B 128 -9.36 16.89 12.11
C MET B 128 -9.36 16.85 12.08
N ARG B 129 -8.62 17.66 11.29
CA ARG B 129 -7.99 18.92 11.77
C ARG B 129 -8.98 19.93 12.32
N CYS B 130 -10.17 20.06 11.68
CA CYS B 130 -11.27 20.92 12.12
C CYS B 130 -11.85 20.44 13.45
N LYS B 131 -12.07 19.12 13.60
CA LYS B 131 -12.56 18.54 14.85
C LYS B 131 -11.54 18.76 15.99
N ILE B 132 -10.25 18.60 15.68
CA ILE B 132 -9.20 18.79 16.68
C ILE B 132 -9.14 20.26 17.11
N ALA B 133 -9.24 21.20 16.17
CA ALA B 133 -9.20 22.65 16.47
C ALA B 133 -10.38 23.01 17.38
N GLN B 134 -11.58 22.51 17.06
CA GLN B 134 -12.80 22.74 17.84
C GLN B 134 -12.68 22.13 19.23
N GLY B 135 -12.20 20.87 19.32
CA GLY B 135 -12.03 20.20 20.60
C GLY B 135 -11.03 20.92 21.47
N ALA B 136 -9.88 21.33 20.92
CA ALA B 136 -8.87 22.04 21.70
C ALA B 136 -9.42 23.40 22.24
N ALA B 137 -10.22 24.12 21.42
CA ALA B 137 -10.86 25.38 21.81
C ALA B 137 -11.88 25.14 22.94
N ASN B 138 -12.59 23.99 22.90
CA ASN B 138 -13.55 23.62 23.96
C ASN B 138 -12.81 23.35 25.27
N GLY B 139 -11.61 22.75 25.20
CA GLY B 139 -10.79 22.49 26.38
C GLY B 139 -10.26 23.79 27.00
N ILE B 140 -9.80 24.75 26.17
CA ILE B 140 -9.29 26.04 26.66
C ILE B 140 -10.47 26.83 27.26
N ASN B 141 -11.66 26.74 26.65
CA ASN B 141 -12.86 27.42 27.14
C ASN B 141 -13.20 26.94 28.56
N PHE B 142 -13.16 25.63 28.78
CA PHE B 142 -13.41 25.04 30.07
C PHE B 142 -12.39 25.54 31.11
N LEU B 143 -11.11 25.65 30.74
CA LEU B 143 -10.09 26.16 31.65
C LEU B 143 -10.33 27.64 31.99
N HIS B 144 -10.67 28.47 30.99
CA HIS B 144 -10.89 29.91 31.21
C HIS B 144 -12.18 30.15 32.00
N GLU B 145 -13.24 29.34 31.74
CA GLU B 145 -14.49 29.41 32.51
C GLU B 145 -14.23 29.12 34.00
N ASN B 146 -13.29 28.22 34.29
CA ASN B 146 -12.89 27.87 35.65
C ASN B 146 -11.70 28.72 36.15
N HIS B 147 -11.48 29.88 35.53
CA HIS B 147 -10.44 30.87 35.88
C HIS B 147 -9.04 30.31 35.96
N HIS B 148 -8.65 29.47 35.00
CA HIS B 148 -7.30 28.90 34.91
C HIS B 148 -6.65 29.36 33.63
N ILE B 149 -5.36 29.70 33.71
CA ILE B 149 -4.56 30.12 32.57
C ILE B 149 -3.58 28.97 32.40
N HIS B 150 -3.59 28.31 31.23
CA HIS B 150 -2.72 27.17 30.95
C HIS B 150 -1.23 27.55 30.95
N ARG B 151 -0.87 28.60 30.18
CA ARG B 151 0.50 29.15 30.04
C ARG B 151 1.44 28.33 29.13
N ASP B 152 1.00 27.21 28.55
CA ASP B 152 1.87 26.45 27.63
C ASP B 152 1.03 25.73 26.56
N ILE B 153 0.12 26.47 25.94
CA ILE B 153 -0.71 25.95 24.85
C ILE B 153 0.22 25.77 23.64
N LYS B 154 0.30 24.54 23.12
CA LYS B 154 1.10 24.23 21.95
C LYS B 154 0.66 22.87 21.43
N SER B 155 1.02 22.54 20.19
CA SER B 155 0.63 21.28 19.57
C SER B 155 1.16 20.04 20.29
N ALA B 156 2.35 20.13 20.93
CA ALA B 156 2.91 19.02 21.73
C ALA B 156 2.06 18.74 23.00
N ASN B 157 1.28 19.76 23.48
CA ASN B 157 0.41 19.66 24.66
C ASN B 157 -1.07 19.42 24.29
N ILE B 158 -1.36 19.05 23.02
CA ILE B 158 -2.70 18.67 22.59
C ILE B 158 -2.56 17.20 22.26
N LEU B 159 -3.17 16.32 23.07
CA LEU B 159 -3.09 14.89 22.85
C LEU B 159 -4.34 14.39 22.18
N LEU B 160 -4.25 13.23 21.51
CA LEU B 160 -5.34 12.66 20.72
C LEU B 160 -5.64 11.26 21.20
N ASP B 161 -6.93 10.99 21.51
CA ASP B 161 -7.35 9.69 22.03
C ASP B 161 -7.69 8.73 20.88
N GLU B 162 -8.32 7.58 21.21
CA GLU B 162 -8.72 6.53 20.26
C GLU B 162 -9.66 6.98 19.11
N ALA B 163 -10.30 8.16 19.23
CA ALA B 163 -11.17 8.76 18.20
C ALA B 163 -10.61 10.09 17.62
N PHE B 164 -9.32 10.40 17.90
CA PHE B 164 -8.66 11.67 17.53
C PHE B 164 -9.34 12.90 18.19
N THR B 165 -9.93 12.72 19.38
CA THR B 165 -10.53 13.81 20.17
C THR B 165 -9.35 14.55 20.81
N ALA B 166 -9.34 15.89 20.70
CA ALA B 166 -8.25 16.71 21.25
C ALA B 166 -8.37 16.76 22.77
N LYS B 167 -7.27 16.49 23.48
CA LYS B 167 -7.18 16.50 24.93
C LYS B 167 -6.03 17.41 25.36
N ILE B 168 -6.34 18.57 25.99
CA ILE B 168 -5.32 19.52 26.48
C ILE B 168 -4.59 18.83 27.65
N SER B 169 -3.27 18.94 27.70
CA SER B 169 -2.44 18.33 28.75
C SER B 169 -1.44 19.33 29.32
N ASP B 170 -0.69 18.90 30.35
CA ASP B 170 0.36 19.69 31.00
C ASP B 170 -0.18 20.95 31.70
N PHE B 171 -0.70 20.77 32.92
CA PHE B 171 -1.22 21.84 33.76
C PHE B 171 -0.24 22.15 34.93
N GLY B 172 1.06 21.79 34.78
CA GLY B 172 2.07 22.07 35.81
C GLY B 172 2.33 23.57 35.97
N LEU B 173 2.39 24.32 34.86
CA LEU B 173 2.61 25.77 34.87
C LEU B 173 1.29 26.57 34.95
N ALA B 174 0.12 25.89 35.04
CA ALA B 174 -1.17 26.58 35.07
C ALA B 174 -1.33 27.53 36.28
N ARG B 175 -2.05 28.66 36.08
CA ARG B 175 -2.29 29.67 37.11
C ARG B 175 -3.76 30.05 37.24
N ALA B 176 -4.22 30.20 38.51
CA ALA B 176 -5.60 30.58 38.87
C ALA B 176 -5.77 32.12 38.86
N SER B 177 -6.93 32.64 39.35
CA SER B 177 -7.21 34.08 39.39
CA GLN B 182 -6.63 40.73 36.63
C GLN B 182 -5.27 40.27 36.10
N TPO B 183 -4.61 41.13 35.30
CA TPO B 183 -3.31 40.81 34.72
CB TPO B 183 -2.95 41.57 33.42
CG2 TPO B 183 -1.58 41.16 32.83
OG1 TPO B 183 -3.91 41.16 32.42
P TPO B 183 -4.94 42.22 32.00
O1P TPO B 183 -5.75 41.54 30.88
O2P TPO B 183 -4.31 43.53 31.47
O3P TPO B 183 -5.89 42.59 33.16
C TPO B 183 -2.22 40.89 35.81
O TPO B 183 -1.98 41.96 36.37
N VAL B 184 -1.56 39.76 36.05
CA VAL B 184 -0.51 39.58 37.06
C VAL B 184 0.84 39.69 36.34
N MET B 185 1.94 39.87 37.08
CA MET B 185 3.28 39.88 36.53
C MET B 185 4.12 38.86 37.29
N TPO B 186 5.13 38.28 36.63
CA TPO B 186 6.01 37.26 37.21
CB TPO B 186 5.61 35.77 36.85
CG2 TPO B 186 5.78 35.41 35.34
OG1 TPO B 186 6.38 34.78 37.61
P TPO B 186 5.92 34.35 39.06
O1P TPO B 186 6.21 32.86 39.21
O2P TPO B 186 6.78 35.08 40.09
O3P TPO B 186 4.41 34.53 39.38
C TPO B 186 7.49 37.50 36.89
O TPO B 186 7.82 38.07 35.85
N SEP B 187 8.37 37.03 37.78
CA SEP B 187 9.82 37.09 37.60
CB SEP B 187 10.58 37.37 38.89
OG SEP B 187 10.02 36.72 40.05
C SEP B 187 10.30 35.81 36.89
O SEP B 187 11.37 35.82 36.28
P SEP B 187 10.68 37.22 41.36
O1P SEP B 187 12.22 36.97 41.34
O2P SEP B 187 10.04 36.43 42.53
O3P SEP B 187 10.39 38.73 41.56
N ARG B 188 9.52 34.69 36.98
CA ARG B 188 9.84 33.43 36.33
C ARG B 188 8.99 33.27 35.06
N ILE B 189 9.54 33.73 33.92
CA ILE B 189 8.88 33.66 32.61
C ILE B 189 9.00 32.21 32.12
N VAL B 190 7.86 31.53 31.93
CA VAL B 190 7.80 30.12 31.49
C VAL B 190 6.90 29.98 30.26
N GLY B 191 7.11 28.90 29.51
CA GLY B 191 6.34 28.60 28.30
C GLY B 191 7.29 28.27 27.16
N THR B 192 6.75 28.18 25.93
CA THR B 192 7.52 27.85 24.73
C THR B 192 7.54 29.07 23.84
N THR B 193 8.73 29.66 23.69
CA THR B 193 9.03 30.89 22.96
C THR B 193 8.27 31.07 21.66
N ALA B 194 8.31 30.05 20.78
CA ALA B 194 7.66 30.10 19.46
C ALA B 194 6.14 30.25 19.50
N TYR B 195 5.50 29.92 20.63
CA TYR B 195 4.05 30.03 20.84
C TYR B 195 3.66 31.20 21.74
N MET B 196 4.62 31.89 22.39
CA MET B 196 4.26 32.90 23.39
C MET B 196 3.85 34.25 22.84
N ALA B 197 2.82 34.85 23.45
CA ALA B 197 2.39 36.22 23.17
C ALA B 197 3.49 37.19 23.63
N PRO B 198 3.61 38.40 23.03
CA PRO B 198 4.64 39.35 23.46
C PRO B 198 4.55 39.69 24.98
N GLU B 199 3.34 39.90 25.51
CA GLU B 199 3.19 40.21 26.94
C GLU B 199 3.61 39.04 27.84
N ALA B 200 3.39 37.77 27.42
CA ALA B 200 3.82 36.59 28.19
C ALA B 200 5.35 36.50 28.21
N LEU B 201 6.00 36.91 27.10
CA LEU B 201 7.46 36.93 27.03
C LEU B 201 8.06 38.03 27.92
N ARG B 202 7.23 39.01 28.35
CA ARG B 202 7.65 40.09 29.23
C ARG B 202 7.27 39.86 30.70
N GLY B 203 6.63 38.72 31.06
CA GLY B 203 6.29 38.42 32.45
C GLY B 203 4.82 38.58 32.81
N GLU B 204 3.97 39.09 31.89
CA GLU B 204 2.54 39.21 32.20
C GLU B 204 1.88 37.84 32.21
N ILE B 205 0.84 37.68 33.07
CA ILE B 205 0.07 36.45 33.19
C ILE B 205 -1.38 36.83 32.91
N THR B 206 -1.95 36.33 31.79
CA THR B 206 -3.33 36.63 31.40
C THR B 206 -3.86 35.52 30.49
N PRO B 207 -5.20 35.24 30.53
CA PRO B 207 -5.77 34.22 29.63
C PRO B 207 -5.67 34.63 28.15
N LYS B 208 -5.44 35.93 27.87
CA LYS B 208 -5.27 36.44 26.51
C LYS B 208 -4.01 35.87 25.85
N SER B 209 -3.01 35.46 26.65
CA SER B 209 -1.80 34.85 26.14
C SER B 209 -2.07 33.42 25.62
N ASP B 210 -3.04 32.69 26.23
CA ASP B 210 -3.45 31.35 25.81
C ASP B 210 -4.12 31.42 24.42
N ILE B 211 -4.88 32.50 24.17
CA ILE B 211 -5.56 32.76 22.89
C ILE B 211 -4.50 32.94 21.80
N TYR B 212 -3.45 33.72 22.08
CA TYR B 212 -2.37 33.96 21.13
C TYR B 212 -1.66 32.66 20.74
N SER B 213 -1.33 31.83 21.74
CA SER B 213 -0.66 30.55 21.54
C SER B 213 -1.55 29.62 20.72
N PHE B 214 -2.87 29.64 20.99
CA PHE B 214 -3.81 28.82 20.25
C PHE B 214 -3.84 29.27 18.77
N GLY B 215 -3.62 30.56 18.49
CA GLY B 215 -3.53 31.10 17.13
C GLY B 215 -2.35 30.49 16.40
N VAL B 216 -1.21 30.26 17.11
CA VAL B 216 -0.03 29.59 16.54
C VAL B 216 -0.38 28.12 16.25
N VAL B 217 -1.11 27.45 17.16
CA VAL B 217 -1.55 26.05 16.98
C VAL B 217 -2.40 25.95 15.71
N LEU B 218 -3.30 26.91 15.48
CA LEU B 218 -4.16 26.93 14.30
C LEU B 218 -3.35 27.04 13.02
N LEU B 219 -2.25 27.84 13.02
CA LEU B 219 -1.37 27.94 11.85
C LEU B 219 -0.64 26.62 11.61
N GLU B 220 -0.21 25.93 12.69
CA GLU B 220 0.44 24.62 12.56
C GLU B 220 -0.55 23.63 11.93
N ILE B 221 -1.83 23.67 12.33
CA ILE B 221 -2.89 22.80 11.80
C ILE B 221 -3.10 23.04 10.30
N ILE B 222 -3.18 24.32 9.88
CA ILE B 222 -3.37 24.67 8.46
C ILE B 222 -2.19 24.24 7.58
N THR B 223 -0.99 24.53 8.03
CA THR B 223 0.25 24.35 7.26
C THR B 223 1.00 23.05 7.50
N GLY B 224 0.79 22.37 8.64
CA GLY B 224 1.58 21.17 8.99
C GLY B 224 3.04 21.53 9.35
N LEU B 225 3.37 22.83 9.45
CA LEU B 225 4.73 23.29 9.73
C LEU B 225 4.91 23.50 11.24
N PRO B 226 6.08 23.16 11.81
CA PRO B 226 6.29 23.42 13.25
C PRO B 226 6.39 24.94 13.53
N ALA B 227 5.97 25.35 14.74
CA ALA B 227 6.01 26.76 15.18
C ALA B 227 7.39 27.40 14.99
N VAL B 228 8.45 26.63 15.18
CA VAL B 228 9.81 27.09 14.94
C VAL B 228 10.61 25.99 14.20
N ASP B 229 11.38 26.39 13.20
CA ASP B 229 12.25 25.50 12.45
C ASP B 229 13.54 26.26 12.16
N GLU B 230 14.63 25.79 12.76
CA GLU B 230 15.98 26.37 12.59
C GLU B 230 16.40 26.42 11.11
N HIS B 231 16.05 25.38 10.32
CA HIS B 231 16.36 25.28 8.89
C HIS B 231 15.13 25.68 8.04
N ARG B 232 14.59 26.92 8.22
CA ARG B 232 13.44 27.45 7.46
C ARG B 232 13.43 28.98 7.45
N GLU B 233 12.70 29.60 6.51
CA GLU B 233 12.53 31.04 6.36
C GLU B 233 11.03 31.33 6.08
N PRO B 234 10.29 31.98 7.00
CA PRO B 234 10.71 32.48 8.32
C PRO B 234 10.92 31.32 9.28
N GLN B 235 11.84 31.48 10.23
CA GLN B 235 12.11 30.43 11.21
C GLN B 235 10.88 30.26 12.12
N LEU B 236 10.14 31.37 12.39
CA LEU B 236 8.95 31.38 13.25
C LEU B 236 7.68 31.44 12.44
N LEU B 237 6.77 30.46 12.65
CA LEU B 237 5.51 30.37 11.92
C LEU B 237 4.63 31.62 12.05
N LEU B 238 4.70 32.32 13.21
CA LEU B 238 3.96 33.58 13.51
C LEU B 238 4.09 34.60 12.38
N ASP B 239 5.31 34.70 11.85
CA ASP B 239 5.70 35.64 10.79
C ASP B 239 4.93 35.47 9.46
N ILE B 240 4.32 34.28 9.16
CA ILE B 240 3.57 34.13 7.90
C ILE B 240 2.34 35.04 7.88
N LYS B 241 1.80 35.41 9.07
CA LYS B 241 0.66 36.33 9.18
C LYS B 241 1.00 37.68 8.51
N GLU B 242 2.26 38.13 8.65
CA GLU B 242 2.72 39.39 8.07
C GLU B 242 2.95 39.23 6.56
N GLU B 243 3.51 38.08 6.12
CA GLU B 243 3.70 37.79 4.68
C GLU B 243 2.37 37.82 3.92
N ILE B 244 1.32 37.31 4.56
CA ILE B 244 -0.02 37.26 4.00
C ILE B 244 -0.68 38.63 4.06
N GLU B 245 -0.53 39.36 5.19
CA GLU B 245 -1.13 40.70 5.33
C GLU B 245 -0.45 41.73 4.40
N ASP B 246 0.88 41.62 4.16
CA ASP B 246 1.57 42.51 3.21
C ASP B 246 1.42 42.00 1.74
N GLU B 247 0.42 41.08 1.49
CA GLU B 247 0.05 40.47 0.20
C GLU B 247 1.25 39.95 -0.64
N GLU B 248 2.34 39.56 0.04
CA GLU B 248 3.52 38.99 -0.60
C GLU B 248 3.15 37.53 -0.98
N LYS B 249 2.34 36.88 -0.13
CA LYS B 249 1.83 35.52 -0.28
C LYS B 249 0.35 35.50 0.18
N THR B 250 -0.27 34.31 0.11
CA THR B 250 -1.65 34.08 0.59
C THR B 250 -1.66 32.79 1.44
N ILE B 251 -2.72 32.57 2.24
CA ILE B 251 -2.78 31.38 3.09
C ILE B 251 -2.83 30.09 2.22
N GLU B 252 -3.40 30.15 0.98
CA GLU B 252 -3.41 29.03 0.03
C GLU B 252 -1.99 28.57 -0.34
N ASP B 253 -0.99 29.47 -0.33
CA ASP B 253 0.42 29.12 -0.61
C ASP B 253 1.03 28.34 0.56
N TYR B 254 0.40 28.39 1.76
CA TYR B 254 0.90 27.75 2.98
C TYR B 254 0.12 26.50 3.41
N ILE B 255 -1.04 26.21 2.81
CA ILE B 255 -1.86 25.03 3.16
C ILE B 255 -1.01 23.77 3.10
N ASP B 256 -1.13 22.90 4.12
CA ASP B 256 -0.40 21.63 4.16
C ASP B 256 -0.73 20.82 2.88
N LYS B 257 0.31 20.49 2.09
CA LYS B 257 0.18 19.69 0.85
C LYS B 257 -0.14 18.21 1.14
N LYS B 258 0.00 17.78 2.42
CA LYS B 258 -0.31 16.42 2.82
C LYS B 258 -1.82 16.19 3.11
N MET B 259 -2.72 16.99 2.53
CA MET B 259 -4.17 16.85 2.68
C MET B 259 -4.76 16.77 1.29
N ASN B 260 -5.87 16.03 1.12
CA ASN B 260 -6.61 15.97 -0.14
C ASN B 260 -8.01 16.59 -0.02
N ASP B 261 -8.51 16.83 1.21
CA ASP B 261 -9.88 17.31 1.47
C ASP B 261 -9.99 18.74 2.02
N ALA B 262 -8.94 19.55 1.93
CA ALA B 262 -9.02 20.92 2.46
C ALA B 262 -9.61 21.87 1.43
N ASP B 263 -10.74 22.53 1.74
CA ASP B 263 -11.33 23.52 0.82
C ASP B 263 -10.88 24.93 1.26
N SER B 264 -10.67 25.80 0.28
CA SER B 264 -10.22 27.18 0.49
C SER B 264 -11.08 27.99 1.43
N THR B 265 -12.40 27.83 1.37
CA THR B 265 -13.35 28.57 2.20
C THR B 265 -13.17 28.27 3.69
N SER B 266 -13.14 26.98 4.10
CA SER B 266 -12.97 26.63 5.53
C SER B 266 -11.54 26.91 6.00
N VAL B 267 -10.54 26.73 5.14
CA VAL B 267 -9.15 27.05 5.50
C VAL B 267 -9.03 28.55 5.80
N GLU B 268 -9.63 29.41 4.93
CA GLU B 268 -9.64 30.86 5.12
C GLU B 268 -10.42 31.25 6.36
N ALA B 269 -11.50 30.51 6.67
CA ALA B 269 -12.25 30.77 7.90
C ALA B 269 -11.38 30.40 9.12
N MET B 270 -10.61 29.28 9.09
CA MET B 270 -9.72 28.94 10.21
C MET B 270 -8.58 29.95 10.31
N TYR B 271 -8.01 30.37 9.17
CA TYR B 271 -6.93 31.35 9.14
C TYR B 271 -7.37 32.69 9.73
N SER B 272 -8.61 33.11 9.43
CA SER B 272 -9.17 34.35 9.96
C SER B 272 -9.21 34.29 11.51
N VAL B 273 -9.61 33.13 12.08
CA VAL B 273 -9.64 32.93 13.54
C VAL B 273 -8.20 33.06 14.07
N ALA B 274 -7.26 32.36 13.43
CA ALA B 274 -5.84 32.38 13.81
C ALA B 274 -5.27 33.81 13.79
N SER B 275 -5.56 34.56 12.71
CA SER B 275 -5.10 35.96 12.52
C SER B 275 -5.59 36.83 13.67
N GLN B 276 -6.88 36.73 14.02
CA GLN B 276 -7.48 37.47 15.13
C GLN B 276 -6.81 37.09 16.47
N CYS B 277 -6.57 35.78 16.71
CA CYS B 277 -5.89 35.27 17.90
C CYS B 277 -4.50 35.85 18.03
N LEU B 278 -3.82 36.02 16.89
CA LEU B 278 -2.44 36.50 16.84
C LEU B 278 -2.28 38.04 16.83
N HIS B 279 -3.32 38.80 17.20
CA HIS B 279 -3.23 40.26 17.29
C HIS B 279 -2.18 40.57 18.35
N GLU B 280 -1.20 41.41 18.05
CA GLU B 280 -0.10 41.70 19.00
C GLU B 280 -0.59 42.44 20.27
N LYS B 281 -1.71 43.18 20.18
CA LYS B 281 -2.31 43.87 21.32
C LYS B 281 -3.29 42.89 21.97
N LYS B 282 -2.98 42.42 23.19
CA LYS B 282 -3.79 41.46 23.94
C LYS B 282 -5.28 41.79 24.03
N ASN B 283 -5.65 43.07 24.19
CA ASN B 283 -7.06 43.49 24.32
C ASN B 283 -7.85 43.43 23.02
N LYS B 284 -7.16 43.41 21.87
CA LYS B 284 -7.79 43.32 20.55
C LYS B 284 -8.10 41.87 20.14
N ARG B 285 -7.53 40.87 20.85
CA ARG B 285 -7.76 39.45 20.54
C ARG B 285 -9.14 39.05 21.00
N PRO B 286 -9.75 38.05 20.34
CA PRO B 286 -11.06 37.58 20.79
C PRO B 286 -10.89 36.74 22.08
N ASP B 287 -11.97 36.60 22.85
CA ASP B 287 -11.90 35.74 24.03
C ASP B 287 -12.13 34.30 23.52
N ILE B 288 -11.90 33.29 24.36
CA ILE B 288 -12.04 31.89 23.93
C ILE B 288 -13.48 31.52 23.47
N LYS B 289 -14.53 32.13 24.05
CA LYS B 289 -15.92 31.83 23.65
C LYS B 289 -16.14 32.27 22.20
N LYS B 290 -15.55 33.42 21.80
CA LYS B 290 -15.67 33.90 20.42
C LYS B 290 -14.87 32.98 19.46
N VAL B 291 -13.67 32.54 19.87
CA VAL B 291 -12.85 31.63 19.08
C VAL B 291 -13.64 30.34 18.83
N GLN B 292 -14.21 29.80 19.93
CA GLN B 292 -15.03 28.58 19.92
C GLN B 292 -16.25 28.75 18.96
N GLN B 293 -16.91 29.92 18.99
CA GLN B 293 -18.06 30.22 18.12
C GLN B 293 -17.64 30.28 16.67
N LEU B 294 -16.53 30.98 16.37
CA LEU B 294 -16.03 31.09 15.00
C LEU B 294 -15.63 29.74 14.41
N LEU B 295 -15.00 28.85 15.22
CA LEU B 295 -14.60 27.52 14.77
C LEU B 295 -15.84 26.65 14.52
N GLN B 296 -16.93 26.84 15.28
CA GLN B 296 -18.19 26.10 15.05
C GLN B 296 -18.87 26.52 13.73
N GLU B 297 -18.85 27.83 13.43
CA GLU B 297 -19.43 28.40 12.20
C GLU B 297 -18.66 27.99 10.94
N MET B 298 -17.36 27.68 11.10
CA MET B 298 -16.48 27.23 10.00
C MET B 298 -16.95 25.86 9.43
N THR B 299 -17.52 24.97 10.29
CA THR B 299 -18.03 23.66 9.86
C THR B 299 -19.55 23.66 9.64
N ALA B 300 -20.28 24.71 10.11
CA ALA B 300 -21.73 24.85 9.94
N ARG C 5 5.65 -3.56 -32.00
CA ARG C 5 6.10 -2.18 -31.80
C ARG C 5 5.02 -1.41 -31.00
N PHE C 6 5.02 -0.07 -31.04
CA PHE C 6 4.03 0.75 -30.34
C PHE C 6 2.87 1.06 -31.25
N HIS C 7 1.71 1.39 -30.66
CA HIS C 7 0.53 1.74 -31.45
C HIS C 7 0.63 3.21 -31.89
N SER C 8 0.51 3.46 -33.21
CA SER C 8 0.57 4.83 -33.73
C SER C 8 -0.84 5.40 -33.61
N PHE C 9 -1.06 6.27 -32.64
CA PHE C 9 -2.37 6.89 -32.42
C PHE C 9 -2.50 8.14 -33.29
N SER C 10 -3.72 8.49 -33.68
CA SER C 10 -3.94 9.77 -34.35
C SER C 10 -4.11 10.74 -33.17
N PHE C 11 -3.91 12.05 -33.39
CA PHE C 11 -4.09 13.02 -32.31
C PHE C 11 -5.56 13.06 -31.90
N TYR C 12 -6.45 12.77 -32.88
CA TYR C 12 -7.89 12.69 -32.68
C TYR C 12 -8.23 11.48 -31.81
N GLU C 13 -7.58 10.32 -32.06
CA GLU C 13 -7.76 9.15 -31.21
C GLU C 13 -7.40 9.53 -29.78
N LEU C 14 -6.22 10.20 -29.59
CA LEU C 14 -5.79 10.60 -28.24
C LEU C 14 -6.64 11.67 -27.62
N LYS C 15 -7.25 12.58 -28.43
CA LYS C 15 -8.23 13.54 -27.91
C LYS C 15 -9.41 12.73 -27.30
N ASN C 16 -9.86 11.67 -28.02
CA ASN C 16 -10.95 10.79 -27.55
C ASN C 16 -10.49 9.89 -26.38
N VAL C 17 -9.19 9.58 -26.28
CA VAL C 17 -8.61 8.80 -25.16
C VAL C 17 -8.64 9.61 -23.84
N THR C 18 -8.33 10.92 -23.91
CA THR C 18 -8.17 11.81 -22.77
C THR C 18 -9.32 12.75 -22.41
N ASN C 19 -10.55 12.57 -22.97
CA ASN C 19 -11.67 13.48 -22.72
C ASN C 19 -11.28 14.89 -23.26
N ASN C 20 -10.71 14.90 -24.49
CA ASN C 20 -10.17 16.07 -25.20
C ASN C 20 -9.14 16.86 -24.34
N PHE C 21 -8.40 16.15 -23.45
CA PHE C 21 -7.39 16.66 -22.52
C PHE C 21 -7.97 17.65 -21.46
N ASP C 22 -8.83 17.14 -20.55
CA ASP C 22 -9.44 17.93 -19.47
C ASP C 22 -8.38 18.32 -18.42
N GLU C 23 -8.44 19.56 -17.86
CA GLU C 23 -7.42 20.04 -16.91
C GLU C 23 -7.82 20.03 -15.41
N ARG C 24 -8.89 19.32 -15.02
CA ARG C 24 -9.30 19.26 -13.61
C ARG C 24 -8.46 18.23 -12.80
N PRO C 25 -8.16 18.47 -11.48
CA PRO C 25 -7.40 17.48 -10.70
C PRO C 25 -8.18 16.20 -10.42
N ILE C 26 -7.45 15.08 -10.24
CA ILE C 26 -8.00 13.74 -9.98
C ILE C 26 -8.67 13.73 -8.60
N SER C 27 -8.02 14.34 -7.58
CA SER C 27 -8.52 14.42 -6.19
C SER C 27 -9.93 15.06 -6.04
N VAL C 28 -10.36 15.85 -7.04
CA VAL C 28 -11.70 16.48 -7.08
C VAL C 28 -12.54 15.94 -8.25
N GLY C 29 -12.01 15.00 -9.06
CA GLY C 29 -12.69 14.41 -10.20
C GLY C 29 -12.25 15.12 -11.50
N GLY C 30 -11.32 14.50 -12.26
CA GLY C 30 -10.83 15.08 -13.52
C GLY C 30 -9.87 14.13 -14.27
N ASN C 31 -9.00 14.71 -15.12
CA ASN C 31 -8.00 13.96 -15.90
C ASN C 31 -6.55 14.38 -15.61
N LYS C 32 -6.26 15.69 -15.42
CA LYS C 32 -4.89 16.18 -15.21
C LYS C 32 -4.23 15.62 -13.94
N MET C 33 -3.02 15.05 -14.08
CA MET C 33 -2.23 14.48 -12.99
C MET C 33 -1.06 15.41 -12.60
N GLY C 34 -0.64 16.36 -13.50
CA GLY C 34 0.42 17.34 -13.24
C GLY C 34 1.43 17.45 -14.39
N GLU C 35 2.36 18.41 -14.29
CA GLU C 35 3.44 18.61 -15.27
C GLU C 35 4.58 17.65 -14.89
N GLY C 36 4.93 16.71 -15.79
CA GLY C 36 5.92 15.66 -15.51
C GLY C 36 7.10 15.62 -16.49
N GLY C 37 7.81 16.74 -16.64
CA GLY C 37 8.99 16.84 -17.50
C GLY C 37 8.80 17.99 -18.48
N PHE C 38 8.86 17.69 -19.78
CA PHE C 38 8.68 18.67 -20.85
C PHE C 38 7.26 18.54 -21.43
N GLY C 39 6.26 18.40 -20.54
CA GLY C 39 4.87 18.21 -20.93
C GLY C 39 3.99 17.95 -19.70
N VAL C 40 2.66 17.92 -19.90
CA VAL C 40 1.64 17.71 -18.84
C VAL C 40 1.02 16.31 -19.02
N VAL C 41 0.73 15.64 -17.90
CA VAL C 41 0.27 14.25 -17.88
C VAL C 41 -1.18 14.14 -17.48
N TYR C 42 -1.98 13.46 -18.35
CA TYR C 42 -3.42 13.23 -18.14
C TYR C 42 -3.76 11.76 -18.03
N LYS C 43 -4.70 11.47 -17.17
CA LYS C 43 -5.24 10.14 -17.01
C LYS C 43 -6.17 9.88 -18.22
N GLY C 44 -6.07 8.71 -18.86
CA GLY C 44 -6.88 8.36 -20.03
C GLY C 44 -7.33 6.90 -19.92
N TYR C 45 -8.17 6.47 -20.87
CA TYR C 45 -8.68 5.09 -20.91
C TYR C 45 -8.68 4.54 -22.36
N VAL C 46 -7.73 3.62 -22.71
CA VAL C 46 -7.68 2.92 -24.02
C VAL C 46 -8.25 1.51 -23.74
N ASN C 47 -9.45 1.24 -24.23
CA ASN C 47 -10.27 0.05 -23.95
C ASN C 47 -10.57 0.19 -22.46
N ASN C 48 -10.32 -0.85 -21.62
CA ASN C 48 -10.54 -0.79 -20.17
C ASN C 48 -9.21 -0.46 -19.46
N THR C 49 -8.12 -0.26 -20.21
CA THR C 49 -6.79 0.02 -19.69
C THR C 49 -6.60 1.51 -19.34
N THR C 50 -6.29 1.79 -18.07
CA THR C 50 -6.00 3.17 -17.65
C THR C 50 -4.63 3.51 -18.19
N VAL C 51 -4.49 4.64 -18.89
CA VAL C 51 -3.25 5.10 -19.49
C VAL C 51 -2.92 6.48 -18.95
N ALA C 52 -1.68 6.90 -19.19
CA ALA C 52 -1.14 8.20 -18.83
C ALA C 52 -0.72 8.79 -20.15
N VAL C 53 -1.32 9.92 -20.55
CA VAL C 53 -0.97 10.53 -21.84
C VAL C 53 -0.19 11.79 -21.52
N LYS C 54 1.06 11.83 -21.99
CA LYS C 54 1.95 12.95 -21.79
C LYS C 54 1.89 13.83 -23.02
N LYS C 55 1.24 15.00 -22.90
CA LYS C 55 1.14 16.00 -23.99
C LYS C 55 2.35 16.93 -23.86
N LEU C 56 3.29 16.88 -24.83
CA LEU C 56 4.52 17.68 -24.79
C LEU C 56 4.25 19.17 -24.96
CA ILE C 62 12.71 25.10 -25.00
C ILE C 62 12.06 25.41 -26.35
N THR C 63 12.74 25.03 -27.45
CA THR C 63 12.25 25.26 -28.82
C THR C 63 11.46 24.05 -29.34
N THR C 64 10.72 24.24 -30.46
CA THR C 64 9.89 23.17 -31.06
C THR C 64 10.73 22.03 -31.63
N GLU C 65 11.90 22.35 -32.26
CA GLU C 65 12.82 21.37 -32.83
C GLU C 65 13.44 20.52 -31.72
N GLU C 66 13.78 21.14 -30.57
CA GLU C 66 14.35 20.44 -29.41
C GLU C 66 13.33 19.47 -28.80
N LEU C 67 12.08 19.93 -28.62
CA LEU C 67 10.98 19.14 -28.06
C LEU C 67 10.65 17.93 -28.95
N LYS C 68 10.81 18.07 -30.30
CA LYS C 68 10.55 16.97 -31.23
C LYS C 68 11.67 15.93 -31.17
N GLN C 69 12.95 16.34 -31.09
CA GLN C 69 14.05 15.36 -31.03
C GLN C 69 14.02 14.58 -29.71
N GLN C 70 13.44 15.19 -28.65
CA GLN C 70 13.26 14.56 -27.35
C GLN C 70 12.15 13.51 -27.46
N PHE C 71 11.05 13.86 -28.15
CA PHE C 71 9.92 12.97 -28.42
C PHE C 71 10.44 11.73 -29.16
N ASP C 72 11.27 11.93 -30.20
CA ASP C 72 11.85 10.85 -31.02
C ASP C 72 12.81 9.99 -30.20
N GLN C 73 13.59 10.63 -29.29
CA GLN C 73 14.55 9.93 -28.43
C GLN C 73 13.81 9.01 -27.46
N GLU C 74 12.71 9.52 -26.87
CA GLU C 74 11.86 8.76 -25.94
C GLU C 74 11.37 7.45 -26.60
N ILE C 75 10.81 7.54 -27.85
CA ILE C 75 10.34 6.37 -28.62
C ILE C 75 11.49 5.43 -28.97
N LYS C 76 12.64 5.97 -29.35
CA LYS C 76 13.83 5.18 -29.72
C LYS C 76 14.34 4.36 -28.52
N VAL C 77 14.47 5.01 -27.34
CA VAL C 77 14.94 4.34 -26.13
C VAL C 77 13.91 3.30 -25.68
N MET C 78 12.61 3.63 -25.72
CA MET C 78 11.57 2.70 -25.32
C MET C 78 11.41 1.53 -26.31
N ALA C 79 11.78 1.71 -27.60
CA ALA C 79 11.70 0.63 -28.59
C ALA C 79 12.74 -0.42 -28.29
N LYS C 80 13.94 -0.02 -27.84
CA LYS C 80 14.99 -0.99 -27.54
C LYS C 80 15.09 -1.35 -26.05
N CYS C 81 14.42 -0.59 -25.14
CA CYS C 81 14.47 -0.86 -23.71
C CYS C 81 13.11 -1.18 -23.06
N GLN C 82 12.84 -2.47 -22.82
CA GLN C 82 11.65 -2.98 -22.13
C GLN C 82 12.14 -3.68 -20.88
N HIS C 83 11.66 -3.28 -19.70
CA HIS C 83 12.08 -3.88 -18.44
C HIS C 83 11.02 -3.55 -17.40
N GLU C 84 10.85 -4.40 -16.40
CA GLU C 84 9.86 -4.18 -15.36
C GLU C 84 10.12 -2.92 -14.50
N ASN C 85 11.36 -2.36 -14.50
CA ASN C 85 11.66 -1.15 -13.73
C ASN C 85 11.80 0.08 -14.61
N LEU C 86 11.19 0.07 -15.80
CA LEU C 86 11.10 1.23 -16.67
C LEU C 86 9.62 1.40 -16.96
N VAL C 87 9.14 2.64 -17.11
CA VAL C 87 7.73 2.85 -17.48
C VAL C 87 7.51 2.24 -18.86
N GLU C 88 6.33 1.72 -19.12
CA GLU C 88 6.05 1.13 -20.43
C GLU C 88 5.32 2.11 -21.34
N LEU C 89 5.90 2.38 -22.53
CA LEU C 89 5.29 3.23 -23.55
C LEU C 89 4.36 2.32 -24.39
N LEU C 90 3.08 2.64 -24.45
CA LEU C 90 2.09 1.89 -25.24
C LEU C 90 2.01 2.43 -26.68
N GLY C 91 2.12 3.76 -26.86
CA GLY C 91 2.04 4.38 -28.18
C GLY C 91 2.39 5.85 -28.21
N PHE C 92 2.14 6.49 -29.35
CA PHE C 92 2.44 7.90 -29.60
C PHE C 92 1.58 8.50 -30.74
N SER C 93 1.69 9.81 -30.94
CA SER C 93 1.01 10.52 -32.03
C SER C 93 1.80 11.78 -32.39
N SER C 94 2.20 11.92 -33.67
CA SER C 94 2.97 13.07 -34.16
C SER C 94 2.27 13.83 -35.31
N ASP C 95 0.99 13.55 -35.59
CA ASP C 95 0.26 14.27 -36.65
C ASP C 95 -0.10 15.70 -36.20
N GLY C 96 0.57 16.70 -36.80
CA GLY C 96 0.39 18.11 -36.48
C GLY C 96 1.54 18.64 -35.60
N ASP C 97 1.41 19.89 -35.11
CA ASP C 97 2.41 20.55 -34.26
C ASP C 97 2.29 20.16 -32.76
N ASP C 98 1.39 19.21 -32.42
CA ASP C 98 1.17 18.73 -31.05
C ASP C 98 1.77 17.32 -30.90
N LEU C 99 2.54 17.03 -29.80
CA LEU C 99 3.10 15.68 -29.62
C LEU C 99 2.65 14.97 -28.32
N CYS C 100 2.19 13.70 -28.41
CA CYS C 100 1.71 12.90 -27.27
C CYS C 100 2.45 11.56 -27.13
N LEU C 101 2.57 11.06 -25.90
CA LEU C 101 3.20 9.77 -25.59
C LEU C 101 2.29 9.08 -24.60
N VAL C 102 1.95 7.81 -24.86
CA VAL C 102 0.99 7.07 -24.04
C VAL C 102 1.68 5.97 -23.28
N TYR C 103 1.46 5.93 -21.98
CA TYR C 103 2.09 4.95 -21.13
C TYR C 103 1.09 4.20 -20.33
N VAL C 104 1.57 3.12 -19.68
CA VAL C 104 0.77 2.37 -18.72
C VAL C 104 0.66 3.31 -17.52
N TYR C 105 -0.54 3.43 -16.97
CA TYR C 105 -0.83 4.29 -15.83
C TYR C 105 -0.15 3.77 -14.56
N MET C 106 0.36 4.68 -13.73
CA MET C 106 1.06 4.34 -12.49
C MET C 106 0.18 4.84 -11.33
N PRO C 107 -0.57 3.93 -10.63
CA PRO C 107 -1.47 4.37 -9.54
C PRO C 107 -0.86 5.09 -8.35
N ASN C 108 0.47 4.98 -8.10
CA ASN C 108 1.05 5.60 -6.90
C ASN C 108 1.94 6.80 -7.20
N GLY C 109 1.79 7.44 -8.40
CA GLY C 109 2.55 8.63 -8.76
C GLY C 109 4.07 8.48 -8.69
N SER C 110 4.79 9.58 -8.36
CA SER C 110 6.24 9.57 -8.27
C SER C 110 6.75 9.29 -6.87
N LEU C 111 8.01 8.87 -6.78
CA LEU C 111 8.67 8.62 -5.50
C LEU C 111 8.75 9.96 -4.73
N LEU C 112 8.96 11.09 -5.44
CA LEU C 112 9.03 12.40 -4.78
C LEU C 112 7.69 12.71 -4.05
N ASP C 113 6.55 12.49 -4.73
CA ASP C 113 5.21 12.68 -4.16
C ASP C 113 4.99 11.80 -2.94
N ARG C 114 5.43 10.54 -3.02
CA ARG C 114 5.24 9.60 -1.91
C ARG C 114 6.16 9.88 -0.76
N LEU C 115 7.38 10.37 -1.04
CA LEU C 115 8.30 10.76 0.06
C LEU C 115 7.78 12.02 0.76
N SER C 116 7.06 12.87 0.05
CA SER C 116 6.51 14.08 0.67
C SER C 116 5.08 13.86 1.18
N CYS C 117 4.52 12.62 1.06
CA CYS C 117 3.16 12.26 1.49
C CYS C 117 2.12 13.18 0.87
N LEU C 118 2.34 13.53 -0.40
CA LEU C 118 1.45 14.42 -1.14
C LEU C 118 0.01 13.87 -1.18
N ASP C 119 -0.98 14.74 -0.97
CA ASP C 119 -2.41 14.42 -0.99
C ASP C 119 -2.85 13.41 0.08
N GLY C 120 -2.17 13.37 1.22
CA GLY C 120 -2.59 12.52 2.34
C GLY C 120 -2.17 11.08 2.29
N THR C 121 -1.24 10.70 1.40
CA THR C 121 -0.82 9.30 1.34
C THR C 121 0.03 8.97 2.57
N PRO C 122 -0.04 7.73 3.09
CA PRO C 122 0.78 7.40 4.26
C PRO C 122 2.26 7.36 3.92
N PRO C 123 3.16 7.65 4.89
CA PRO C 123 4.59 7.57 4.62
C PRO C 123 5.01 6.19 4.13
N LEU C 124 6.05 6.10 3.29
CA LEU C 124 6.55 4.81 2.82
C LEU C 124 7.33 4.20 3.98
N SER C 125 7.15 2.92 4.19
CA SER C 125 7.86 2.19 5.22
C SER C 125 9.28 1.95 4.71
N TRP C 126 10.20 1.65 5.63
CA TRP C 126 11.57 1.32 5.27
C TRP C 126 11.59 0.09 4.34
N HIS C 127 10.73 -0.90 4.63
CA HIS C 127 10.62 -2.10 3.81
C HIS C 127 10.29 -1.72 2.34
N MET C 128 9.30 -0.85 2.10
N MET C 128 9.29 -0.83 2.14
CA MET C 128 8.99 -0.45 0.71
CA MET C 128 8.89 -0.35 0.80
C MET C 128 10.11 0.41 0.11
C MET C 128 10.06 0.42 0.15
N ARG C 129 10.74 1.27 0.94
CA ARG C 129 11.85 2.08 0.46
C ARG C 129 13.00 1.24 -0.09
N CYS C 130 13.33 0.15 0.60
CA CYS C 130 14.38 -0.80 0.17
C CYS C 130 14.03 -1.43 -1.17
N LYS C 131 12.77 -1.87 -1.34
CA LYS C 131 12.26 -2.45 -2.60
C LYS C 131 12.33 -1.42 -3.74
N ILE C 132 11.99 -0.16 -3.42
CA ILE C 132 12.02 0.91 -4.43
C ILE C 132 13.46 1.22 -4.85
N ALA C 133 14.40 1.26 -3.88
CA ALA C 133 15.82 1.55 -4.16
C ALA C 133 16.39 0.44 -5.06
N GLN C 134 16.10 -0.82 -4.73
CA GLN C 134 16.54 -1.98 -5.51
C GLN C 134 15.94 -1.97 -6.90
N GLY C 135 14.63 -1.69 -7.02
CA GLY C 135 13.95 -1.64 -8.31
C GLY C 135 14.51 -0.54 -9.18
N ALA C 136 14.72 0.67 -8.63
CA ALA C 136 15.27 1.78 -9.40
C ALA C 136 16.71 1.46 -9.92
N ALA C 137 17.54 0.79 -9.08
CA ALA C 137 18.89 0.37 -9.43
C ALA C 137 18.86 -0.69 -10.55
N ASN C 138 17.84 -1.58 -10.53
CA ASN C 138 17.66 -2.59 -11.59
C ASN C 138 17.30 -1.91 -12.90
N GLY C 139 16.49 -0.83 -12.86
CA GLY C 139 16.12 -0.07 -14.06
C GLY C 139 17.33 0.66 -14.65
N ILE C 140 18.17 1.29 -13.81
CA ILE C 140 19.38 1.99 -14.27
C ILE C 140 20.39 0.96 -14.84
N ASN C 141 20.49 -0.23 -14.21
CA ASN C 141 21.37 -1.29 -14.68
C ASN C 141 20.99 -1.72 -16.09
N PHE C 142 19.70 -1.91 -16.34
CA PHE C 142 19.20 -2.27 -17.64
C PHE C 142 19.54 -1.20 -18.67
N LEU C 143 19.41 0.09 -18.32
CA LEU C 143 19.75 1.17 -19.24
C LEU C 143 21.26 1.20 -19.54
N HIS C 144 22.13 1.00 -18.52
CA HIS C 144 23.58 1.02 -18.70
C HIS C 144 24.06 -0.21 -19.47
N GLU C 145 23.44 -1.38 -19.22
CA GLU C 145 23.73 -2.62 -19.97
C GLU C 145 23.43 -2.43 -21.46
N ASN C 146 22.39 -1.65 -21.79
CA ASN C 146 22.01 -1.33 -23.17
C ASN C 146 22.66 -0.02 -23.66
N HIS C 147 23.75 0.42 -23.01
CA HIS C 147 24.56 1.57 -23.36
C HIS C 147 23.77 2.87 -23.48
N HIS C 148 22.85 3.13 -22.53
CA HIS C 148 22.07 4.35 -22.47
C HIS C 148 22.39 5.09 -21.19
N ILE C 149 22.52 6.41 -21.28
CA ILE C 149 22.77 7.28 -20.15
C ILE C 149 21.47 8.06 -20.01
N HIS C 150 20.78 7.96 -18.85
CA HIS C 150 19.50 8.63 -18.62
C HIS C 150 19.64 10.16 -18.63
N ARG C 151 20.59 10.70 -17.85
CA ARG C 151 20.90 12.13 -17.71
C ARG C 151 19.91 12.94 -16.84
N ASP C 152 18.86 12.32 -16.27
CA ASP C 152 17.95 13.04 -15.39
C ASP C 152 17.34 12.11 -14.33
N ILE C 153 18.21 11.34 -13.67
CA ILE C 153 17.79 10.46 -12.59
C ILE C 153 17.44 11.36 -11.39
N LYS C 154 16.20 11.23 -10.90
CA LYS C 154 15.73 11.98 -9.75
C LYS C 154 14.45 11.31 -9.26
N SER C 155 14.02 11.60 -8.03
CA SER C 155 12.84 10.96 -7.46
C SER C 155 11.53 11.34 -8.19
N ALA C 156 11.46 12.51 -8.82
CA ALA C 156 10.29 12.89 -9.63
C ALA C 156 10.19 12.02 -10.89
N ASN C 157 11.33 11.42 -11.36
CA ASN C 157 11.39 10.54 -12.54
C ASN C 157 11.39 9.06 -12.16
N ILE C 158 11.04 8.74 -10.91
CA ILE C 158 10.87 7.36 -10.49
C ILE C 158 9.40 7.25 -10.14
N LEU C 159 8.66 6.50 -10.96
CA LEU C 159 7.24 6.31 -10.76
C LEU C 159 6.94 5.00 -10.08
N LEU C 160 5.76 4.90 -9.45
CA LEU C 160 5.35 3.74 -8.65
C LEU C 160 4.03 3.14 -9.08
N ASP C 161 3.99 1.81 -9.29
CA ASP C 161 2.77 1.11 -9.69
C ASP C 161 1.95 0.71 -8.44
N GLU C 162 0.84 -0.01 -8.61
CA GLU C 162 -0.02 -0.43 -7.48
C GLU C 162 0.76 -1.26 -6.41
N ALA C 163 1.81 -2.03 -6.80
CA ALA C 163 2.63 -2.79 -5.84
C ALA C 163 3.83 -1.96 -5.32
N PHE C 164 3.87 -0.65 -5.64
CA PHE C 164 4.97 0.25 -5.32
C PHE C 164 6.30 -0.22 -5.99
N THR C 165 6.22 -0.82 -7.18
CA THR C 165 7.40 -1.20 -7.98
C THR C 165 7.92 0.09 -8.62
N ALA C 166 9.25 0.33 -8.50
CA ALA C 166 9.88 1.53 -9.04
C ALA C 166 9.99 1.43 -10.55
N LYS C 167 9.56 2.46 -11.28
CA LYS C 167 9.58 2.52 -12.74
C LYS C 167 10.30 3.82 -13.17
N ILE C 168 11.50 3.70 -13.76
CA ILE C 168 12.27 4.86 -14.26
C ILE C 168 11.50 5.43 -15.45
N SER C 169 11.38 6.76 -15.53
CA SER C 169 10.67 7.46 -16.62
C SER C 169 11.51 8.59 -17.19
N ASP C 170 10.99 9.26 -18.24
CA ASP C 170 11.59 10.42 -18.90
C ASP C 170 12.95 10.09 -19.55
N PHE C 171 12.89 9.53 -20.77
CA PHE C 171 14.06 9.19 -21.57
C PHE C 171 14.24 10.20 -22.74
N GLY C 172 13.67 11.42 -22.62
CA GLY C 172 13.80 12.45 -23.66
C GLY C 172 15.25 12.95 -23.80
N LEU C 173 15.95 13.15 -22.67
CA LEU C 173 17.35 13.61 -22.65
C LEU C 173 18.35 12.44 -22.70
N ALA C 174 17.89 11.18 -22.77
CA ALA C 174 18.78 10.00 -22.77
C ALA C 174 19.77 9.99 -23.95
N ARG C 175 20.99 9.47 -23.72
CA ARG C 175 22.06 9.40 -24.72
C ARG C 175 22.67 8.00 -24.82
N ALA C 176 22.86 7.51 -26.07
CA ALA C 176 23.47 6.20 -26.30
C ALA C 176 25.00 6.32 -26.25
N SER C 177 25.68 5.35 -25.59
CA SER C 177 27.15 5.29 -25.43
C SER C 177 27.69 3.97 -25.99
N TPO C 183 33.78 9.02 -22.59
CA TPO C 183 33.19 10.25 -22.05
CB TPO C 183 33.84 10.73 -20.74
CG2 TPO C 183 33.19 12.02 -20.19
OG1 TPO C 183 33.56 9.74 -19.74
P TPO C 183 34.78 8.89 -19.27
O1P TPO C 183 35.36 8.02 -20.41
O2P TPO C 183 34.21 7.99 -18.16
O3P TPO C 183 35.96 9.73 -18.74
C TPO C 183 33.12 11.31 -23.16
O TPO C 183 34.14 11.73 -23.70
N VAL C 184 31.89 11.77 -23.45
CA VAL C 184 31.58 12.77 -24.48
C VAL C 184 31.44 14.12 -23.76
N MET C 185 31.45 15.22 -24.52
CA MET C 185 31.22 16.57 -24.00
C MET C 185 30.08 17.21 -24.79
N TPO C 186 29.33 18.12 -24.15
CA TPO C 186 28.20 18.80 -24.77
CB TPO C 186 26.78 18.16 -24.43
CG2 TPO C 186 26.37 18.28 -22.94
OG1 TPO C 186 25.69 18.76 -25.22
P TPO C 186 25.36 18.21 -26.66
O1P TPO C 186 25.80 16.77 -26.99
O2P TPO C 186 23.87 18.26 -26.87
O3P TPO C 186 25.98 19.14 -27.70
C TPO C 186 28.18 20.30 -24.47
O TPO C 186 28.67 20.74 -23.42
N SEP C 187 27.59 21.07 -25.38
CA SEP C 187 27.39 22.51 -25.24
CB SEP C 187 27.60 23.28 -26.55
OG SEP C 187 27.06 22.58 -27.71
C SEP C 187 26.05 22.79 -24.57
O SEP C 187 25.88 23.85 -23.97
P SEP C 187 27.49 23.27 -29.05
O1P SEP C 187 29.03 23.10 -29.23
O2P SEP C 187 26.76 22.52 -30.18
O3P SEP C 187 27.10 24.77 -29.04
N ARG C 188 25.08 21.84 -24.65
CA ARG C 188 23.77 21.96 -24.04
C ARG C 188 23.73 21.12 -22.75
N ILE C 189 24.06 21.75 -21.62
CA ILE C 189 24.07 21.10 -20.30
C ILE C 189 22.61 20.99 -19.85
N VAL C 190 22.12 19.75 -19.64
CA VAL C 190 20.73 19.47 -19.23
C VAL C 190 20.70 18.58 -17.99
N GLY C 191 19.58 18.61 -17.26
CA GLY C 191 19.37 17.82 -16.04
C GLY C 191 18.87 18.71 -14.93
N THR C 192 18.84 18.17 -13.71
CA THR C 192 18.35 18.89 -12.51
C THR C 192 19.51 19.11 -11.59
N THR C 193 19.89 20.39 -11.44
CA THR C 193 21.05 20.89 -10.68
C THR C 193 21.31 20.16 -9.37
N ALA C 194 20.26 20.04 -8.52
CA ALA C 194 20.37 19.41 -7.20
C ALA C 194 20.77 17.94 -7.22
N TYR C 195 20.59 17.25 -8.35
CA TYR C 195 20.94 15.84 -8.54
C TYR C 195 22.20 15.65 -9.42
N MET C 196 22.74 16.70 -10.05
CA MET C 196 23.82 16.53 -11.02
C MET C 196 25.21 16.36 -10.44
N ALA C 197 25.99 15.43 -11.01
CA ALA C 197 27.41 15.23 -10.69
C ALA C 197 28.19 16.48 -11.15
N PRO C 198 29.36 16.79 -10.53
CA PRO C 198 30.15 17.96 -10.95
C PRO C 198 30.52 17.91 -12.46
N GLU C 199 30.93 16.75 -12.96
CA GLU C 199 31.30 16.62 -14.39
C GLU C 199 30.11 16.83 -15.33
N ALA C 200 28.88 16.42 -14.93
CA ALA C 200 27.67 16.65 -15.74
C ALA C 200 27.34 18.15 -15.77
N LEU C 201 27.60 18.86 -14.67
CA LEU C 201 27.40 20.31 -14.61
C LEU C 201 28.41 21.06 -15.49
N ARG C 202 29.52 20.41 -15.88
CA ARG C 202 30.53 20.97 -16.74
C ARG C 202 30.41 20.55 -18.21
N GLY C 203 29.39 19.74 -18.59
CA GLY C 203 29.19 19.33 -19.98
C GLY C 203 29.60 17.91 -20.32
N GLU C 204 30.22 17.16 -19.39
CA GLU C 204 30.58 15.77 -19.67
C GLU C 204 29.33 14.88 -19.70
N ILE C 205 29.37 13.84 -20.55
CA ILE C 205 28.28 12.87 -20.68
C ILE C 205 28.89 11.51 -20.37
N THR C 206 28.46 10.87 -19.27
CA THR C 206 28.98 9.57 -18.84
C THR C 206 27.94 8.87 -17.95
N PRO C 207 27.88 7.52 -17.96
CA PRO C 207 26.95 6.80 -17.10
C PRO C 207 27.30 6.99 -15.61
N LYS C 208 28.54 7.43 -15.30
CA LYS C 208 28.98 7.69 -13.93
C LYS C 208 28.19 8.85 -13.30
N SER C 209 27.64 9.75 -14.12
CA SER C 209 26.81 10.86 -13.65
C SER C 209 25.44 10.35 -13.16
N ASP C 210 24.91 9.26 -13.78
CA ASP C 210 23.63 8.65 -13.38
C ASP C 210 23.77 8.02 -11.99
N ILE C 211 24.96 7.44 -11.71
CA ILE C 211 25.29 6.83 -10.41
C ILE C 211 25.27 7.91 -9.33
N TYR C 212 25.88 9.07 -9.61
CA TYR C 212 25.90 10.19 -8.67
C TYR C 212 24.49 10.67 -8.32
N SER C 213 23.64 10.87 -9.35
CA SER C 213 22.24 11.28 -9.23
C SER C 213 21.42 10.26 -8.44
N PHE C 214 21.71 8.97 -8.64
CA PHE C 214 21.05 7.91 -7.90
C PHE C 214 21.46 7.95 -6.41
N GLY C 215 22.70 8.39 -6.10
CA GLY C 215 23.18 8.57 -4.73
C GLY C 215 22.35 9.63 -4.03
N VAL C 216 21.95 10.70 -4.75
CA VAL C 216 21.09 11.77 -4.21
C VAL C 216 19.68 11.17 -3.95
N VAL C 217 19.16 10.33 -4.86
CA VAL C 217 17.86 9.67 -4.71
C VAL C 217 17.88 8.81 -3.44
N LEU C 218 18.98 8.09 -3.18
CA LEU C 218 19.11 7.25 -1.99
C LEU C 218 19.05 8.08 -0.70
N LEU C 219 19.66 9.29 -0.70
CA LEU C 219 19.59 10.18 0.47
C LEU C 219 18.16 10.67 0.67
N GLU C 220 17.44 10.95 -0.41
CA GLU C 220 16.03 11.35 -0.37
C GLU C 220 15.19 10.24 0.28
N ILE C 221 15.48 8.99 -0.08
CA ILE C 221 14.80 7.79 0.45
C ILE C 221 15.05 7.63 1.96
N ILE C 222 16.31 7.77 2.39
CA ILE C 222 16.67 7.64 3.81
C ILE C 222 16.04 8.73 4.69
N THR C 223 16.12 9.97 4.24
CA THR C 223 15.73 11.16 4.99
C THR C 223 14.32 11.69 4.73
N GLY C 224 13.71 11.36 3.57
CA GLY C 224 12.42 11.94 3.19
C GLY C 224 12.51 13.44 2.84
N LEU C 225 13.74 13.99 2.73
CA LEU C 225 13.94 15.41 2.45
C LEU C 225 14.15 15.61 0.95
N PRO C 226 13.62 16.71 0.38
CA PRO C 226 13.86 16.96 -1.06
C PRO C 226 15.35 17.31 -1.33
N ALA C 227 15.85 16.99 -2.55
CA ALA C 227 17.25 17.25 -2.95
C ALA C 227 17.63 18.70 -2.76
N VAL C 228 16.70 19.63 -2.98
CA VAL C 228 16.91 21.05 -2.75
C VAL C 228 15.69 21.64 -2.02
N ASP C 229 15.95 22.48 -1.02
CA ASP C 229 14.91 23.19 -0.28
C ASP C 229 15.45 24.58 0.00
N GLU C 230 14.81 25.60 -0.62
CA GLU C 230 15.18 27.01 -0.45
C GLU C 230 15.14 27.45 1.03
N HIS C 231 14.16 26.93 1.80
CA HIS C 231 13.99 27.23 3.24
C HIS C 231 14.57 26.10 4.11
N ARG C 232 15.88 25.77 3.94
CA ARG C 232 16.58 24.71 4.71
C ARG C 232 18.10 24.96 4.74
N GLU C 233 18.81 24.33 5.70
CA GLU C 233 20.27 24.42 5.86
C GLU C 233 20.80 23.00 6.16
N PRO C 234 21.58 22.36 5.24
CA PRO C 234 22.01 22.84 3.94
C PRO C 234 20.85 22.86 2.96
N GLN C 235 20.85 23.79 2.01
CA GLN C 235 19.79 23.88 1.01
C GLN C 235 19.84 22.65 0.10
N LEU C 236 21.05 22.09 -0.14
CA LEU C 236 21.28 20.92 -1.00
C LEU C 236 21.54 19.68 -0.17
N LEU C 237 20.72 18.63 -0.38
CA LEU C 237 20.82 17.37 0.36
C LEU C 237 22.20 16.71 0.24
N LEU C 238 22.91 16.88 -0.92
CA LEU C 238 24.28 16.36 -1.20
C LEU C 238 25.20 16.62 -0.02
N ASP C 239 25.14 17.89 0.47
CA ASP C 239 26.01 18.44 1.52
C ASP C 239 25.98 17.67 2.83
N ILE C 240 24.87 16.94 3.10
CA ILE C 240 24.70 16.06 4.27
C ILE C 240 25.85 15.06 4.37
N LYS C 241 26.38 14.58 3.23
CA LYS C 241 27.50 13.65 3.19
C LYS C 241 28.73 14.20 3.94
N GLU C 242 29.05 15.49 3.72
CA GLU C 242 30.22 16.14 4.33
C GLU C 242 29.98 16.38 5.84
N GLU C 243 28.76 16.78 6.22
CA GLU C 243 28.39 16.96 7.62
C GLU C 243 28.57 15.67 8.41
N ILE C 244 28.22 14.53 7.81
CA ILE C 244 28.38 13.23 8.44
C ILE C 244 29.85 12.77 8.40
N GLU C 245 30.57 12.95 7.27
CA GLU C 245 31.98 12.56 7.18
C GLU C 245 32.90 13.37 8.12
N ASP C 246 32.59 14.67 8.34
CA ASP C 246 33.34 15.50 9.29
C ASP C 246 32.84 15.28 10.75
N GLU C 247 32.09 14.16 11.00
CA GLU C 247 31.52 13.72 12.27
C GLU C 247 30.80 14.82 13.09
N GLU C 248 30.24 15.83 12.39
CA GLU C 248 29.48 16.92 13.00
C GLU C 248 28.09 16.34 13.36
N LYS C 249 27.61 15.41 12.51
CA LYS C 249 26.36 14.67 12.65
C LYS C 249 26.58 13.21 12.19
N THR C 250 25.54 12.38 12.28
CA THR C 250 25.51 10.99 11.81
C THR C 250 24.27 10.75 10.97
N ILE C 251 24.25 9.64 10.23
CA ILE C 251 23.11 9.35 9.37
C ILE C 251 21.83 9.17 10.22
N GLU C 252 21.96 8.60 11.43
CA GLU C 252 20.83 8.41 12.35
C GLU C 252 20.13 9.75 12.69
N ASP C 253 20.86 10.88 12.67
CA ASP C 253 20.27 12.20 12.91
C ASP C 253 19.43 12.67 11.72
N TYR C 254 19.61 12.05 10.52
CA TYR C 254 18.92 12.41 9.30
C TYR C 254 17.85 11.42 8.84
N ILE C 255 17.75 10.22 9.45
CA ILE C 255 16.72 9.22 9.11
C ILE C 255 15.34 9.86 9.13
N ASP C 256 14.50 9.55 8.11
CA ASP C 256 13.14 10.06 8.05
C ASP C 256 12.40 9.62 9.35
N LYS C 257 11.89 10.58 10.12
CA LYS C 257 11.12 10.35 11.34
C LYS C 257 9.72 9.76 11.03
N LYS C 258 9.29 9.82 9.77
CA LYS C 258 8.00 9.27 9.35
C LYS C 258 8.03 7.76 9.07
N MET C 259 8.96 7.01 9.67
CA MET C 259 9.06 5.55 9.53
C MET C 259 9.06 4.95 10.94
N ASN C 260 8.52 3.74 11.10
CA ASN C 260 8.59 2.99 12.37
C ASN C 260 9.44 1.71 12.25
N ASP C 261 9.75 1.25 11.02
CA ASP C 261 10.44 -0.02 10.76
C ASP C 261 11.87 0.10 10.22
N ALA C 262 12.51 1.28 10.32
CA ALA C 262 13.86 1.44 9.82
C ALA C 262 14.89 1.02 10.87
N ASP C 263 15.71 0.01 10.58
CA ASP C 263 16.77 -0.41 11.51
C ASP C 263 18.08 0.27 11.09
N SER C 264 18.89 0.65 12.09
CA SER C 264 20.17 1.34 11.90
C SER C 264 21.13 0.63 10.96
N THR C 265 21.20 -0.70 11.04
CA THR C 265 22.11 -1.50 10.23
C THR C 265 21.81 -1.40 8.72
N SER C 266 20.55 -1.59 8.30
CA SER C 266 20.19 -1.49 6.87
C SER C 266 20.21 -0.04 6.38
N VAL C 267 19.85 0.93 7.24
CA VAL C 267 19.94 2.35 6.87
C VAL C 267 21.41 2.73 6.59
N GLU C 268 22.33 2.28 7.48
CA GLU C 268 23.75 2.53 7.32
C GLU C 268 24.29 1.83 6.09
N ALA C 269 23.76 0.64 5.76
CA ALA C 269 24.16 -0.06 4.55
C ALA C 269 23.68 0.73 3.33
N MET C 270 22.43 1.31 3.33
CA MET C 270 21.97 2.11 2.19
C MET C 270 22.77 3.41 2.11
N TYR C 271 23.06 4.05 3.27
CA TYR C 271 23.84 5.29 3.30
C TYR C 271 25.25 5.08 2.74
N SER C 272 25.87 3.94 3.06
CA SER C 272 27.21 3.61 2.56
C SER C 272 27.18 3.54 1.02
N VAL C 273 26.11 2.95 0.42
CA VAL C 273 25.95 2.87 -1.05
C VAL C 273 25.84 4.31 -1.58
N ALA C 274 24.97 5.13 -0.96
CA ALA C 274 24.77 6.52 -1.36
C ALA C 274 26.07 7.33 -1.30
N SER C 275 26.83 7.18 -0.20
CA SER C 275 28.12 7.88 0.00
C SER C 275 29.09 7.54 -1.10
N GLN C 276 29.21 6.25 -1.45
CA GLN C 276 30.07 5.77 -2.54
C GLN C 276 29.62 6.36 -3.88
N CYS C 277 28.29 6.38 -4.15
CA CYS C 277 27.70 6.96 -5.37
C CYS C 277 28.04 8.42 -5.49
N LEU C 278 28.06 9.13 -4.36
CA LEU C 278 28.30 10.57 -4.31
C LEU C 278 29.79 10.98 -4.26
N HIS C 279 30.72 10.08 -4.59
CA HIS C 279 32.15 10.42 -4.64
C HIS C 279 32.31 11.49 -5.72
N GLU C 280 32.95 12.62 -5.39
CA GLU C 280 33.10 13.73 -6.34
C GLU C 280 33.94 13.37 -7.59
N LYS C 281 34.85 12.40 -7.47
CA LYS C 281 35.67 11.92 -8.58
C LYS C 281 34.89 10.78 -9.24
N LYS C 282 34.41 11.00 -10.49
CA LYS C 282 33.63 10.02 -11.25
C LYS C 282 34.21 8.60 -11.31
N ASN C 283 35.53 8.46 -11.42
CA ASN C 283 36.17 7.13 -11.52
C ASN C 283 36.23 6.37 -10.21
N LYS C 284 36.05 7.06 -9.08
CA LYS C 284 36.03 6.43 -7.75
C LYS C 284 34.64 5.87 -7.39
N ARG C 285 33.59 6.27 -8.13
CA ARG C 285 32.22 5.80 -7.88
C ARG C 285 32.07 4.37 -8.32
N PRO C 286 31.17 3.60 -7.70
CA PRO C 286 30.94 2.23 -8.15
C PRO C 286 30.13 2.25 -9.45
N ASP C 287 30.17 1.18 -10.22
CA ASP C 287 29.34 1.09 -11.42
C ASP C 287 27.96 0.61 -10.94
N ILE C 288 26.93 0.67 -11.81
CA ILE C 288 25.57 0.30 -11.41
C ILE C 288 25.44 -1.18 -10.95
N LYS C 289 26.23 -2.12 -11.51
CA LYS C 289 26.16 -3.53 -11.10
C LYS C 289 26.60 -3.67 -9.65
N LYS C 290 27.62 -2.91 -9.22
CA LYS C 290 28.08 -2.93 -7.84
C LYS C 290 27.02 -2.30 -6.90
N VAL C 291 26.40 -1.19 -7.34
CA VAL C 291 25.34 -0.52 -6.56
C VAL C 291 24.19 -1.52 -6.34
N GLN C 292 23.77 -2.17 -7.44
CA GLN C 292 22.72 -3.21 -7.45
C GLN C 292 23.07 -4.36 -6.49
N GLN C 293 24.35 -4.82 -6.50
CA GLN C 293 24.83 -5.91 -5.62
C GLN C 293 24.77 -5.48 -4.16
N LEU C 294 25.27 -4.27 -3.85
CA LEU C 294 25.25 -3.75 -2.49
C LEU C 294 23.83 -3.57 -1.93
N LEU C 295 22.88 -3.11 -2.76
CA LEU C 295 21.49 -2.95 -2.33
C LEU C 295 20.83 -4.32 -2.11
N GLN C 296 21.22 -5.37 -2.86
CA GLN C 296 20.70 -6.72 -2.64
C GLN C 296 21.21 -7.32 -1.32
N GLU C 297 22.49 -7.09 -0.99
CA GLU C 297 23.12 -7.57 0.26
C GLU C 297 22.55 -6.87 1.50
N MET C 298 22.04 -5.65 1.34
CA MET C 298 21.43 -4.86 2.41
C MET C 298 20.16 -5.55 2.97
N THR C 299 19.39 -6.25 2.11
CA THR C 299 18.17 -6.98 2.51
C THR C 299 18.43 -8.48 2.73
N ALA C 300 19.59 -9.02 2.28
CA ALA C 300 19.98 -10.43 2.47
C ALA C 300 20.14 -10.76 3.96
N SER C 301 20.77 -9.84 4.74
CA SER C 301 20.99 -10.01 6.18
N ARG D 5 -24.92 16.35 15.18
CA ARG D 5 -23.53 16.66 14.84
C ARG D 5 -23.16 16.40 13.36
N PHE D 6 -24.03 15.70 12.61
CA PHE D 6 -23.79 15.39 11.21
C PHE D 6 -24.37 16.45 10.28
N HIS D 7 -23.84 16.57 9.05
CA HIS D 7 -24.34 17.54 8.08
C HIS D 7 -25.60 16.99 7.38
N SER D 8 -26.70 17.75 7.41
CA SER D 8 -27.94 17.33 6.76
C SER D 8 -27.85 17.75 5.30
N PHE D 9 -27.59 16.79 4.40
CA PHE D 9 -27.45 17.07 2.98
C PHE D 9 -28.84 17.06 2.30
N SER D 10 -29.03 17.89 1.27
CA SER D 10 -30.25 17.84 0.47
C SER D 10 -29.97 16.75 -0.56
N PHE D 11 -30.98 15.93 -0.92
CA PHE D 11 -30.82 14.80 -1.82
C PHE D 11 -30.18 15.16 -3.17
N TYR D 12 -30.62 16.28 -3.80
CA TYR D 12 -30.07 16.73 -5.08
C TYR D 12 -28.55 17.00 -4.98
N GLU D 13 -28.06 17.54 -3.83
CA GLU D 13 -26.63 17.80 -3.61
C GLU D 13 -25.84 16.53 -3.82
N LEU D 14 -26.35 15.41 -3.27
CA LEU D 14 -25.76 14.07 -3.37
C LEU D 14 -25.95 13.44 -4.77
N LYS D 15 -27.06 13.77 -5.44
CA LYS D 15 -27.34 13.32 -6.81
C LYS D 15 -26.34 13.97 -7.79
N ASN D 16 -26.00 15.24 -7.58
CA ASN D 16 -25.05 15.96 -8.44
C ASN D 16 -23.60 15.46 -8.30
N VAL D 17 -23.15 15.20 -7.07
CA VAL D 17 -21.77 14.77 -6.78
C VAL D 17 -21.48 13.28 -7.11
N THR D 18 -22.49 12.43 -7.35
CA THR D 18 -22.31 11.00 -7.69
C THR D 18 -22.67 10.75 -9.17
N ASN D 19 -22.85 11.82 -9.98
CA ASN D 19 -23.29 11.77 -11.39
C ASN D 19 -24.63 11.05 -11.51
N ASN D 20 -25.62 11.60 -10.79
CA ASN D 20 -27.00 11.14 -10.70
C ASN D 20 -27.12 9.67 -10.27
N PHE D 21 -26.27 9.26 -9.29
CA PHE D 21 -26.21 7.90 -8.75
C PHE D 21 -26.03 6.84 -9.84
N ASP D 22 -24.87 6.86 -10.49
CA ASP D 22 -24.56 5.89 -11.53
C ASP D 22 -24.43 4.48 -10.89
N GLU D 23 -25.50 3.64 -11.00
CA GLU D 23 -25.57 2.28 -10.41
C GLU D 23 -24.64 1.23 -11.04
N ARG D 24 -23.78 1.59 -12.00
CA ARG D 24 -22.83 0.68 -12.61
C ARG D 24 -21.52 0.73 -11.80
N PRO D 25 -20.66 -0.31 -11.85
CA PRO D 25 -19.37 -0.26 -11.15
C PRO D 25 -18.36 0.68 -11.84
N ILE D 26 -17.42 1.25 -11.05
CA ILE D 26 -16.38 2.18 -11.51
C ILE D 26 -15.56 1.62 -12.69
N SER D 27 -15.22 0.31 -12.65
CA SER D 27 -14.45 -0.34 -13.73
C SER D 27 -15.22 -0.40 -15.06
N VAL D 28 -16.58 -0.56 -14.99
CA VAL D 28 -17.45 -0.57 -16.18
C VAL D 28 -18.15 0.81 -16.35
N GLY D 29 -17.44 1.91 -16.00
CA GLY D 29 -17.88 3.29 -16.19
C GLY D 29 -19.02 3.80 -15.33
N GLY D 30 -18.99 3.50 -14.04
CA GLY D 30 -19.99 3.98 -13.10
C GLY D 30 -19.34 4.71 -11.92
N ASN D 31 -20.12 4.87 -10.85
CA ASN D 31 -19.68 5.51 -9.61
C ASN D 31 -19.77 4.51 -8.45
N LYS D 32 -20.49 3.38 -8.62
CA LYS D 32 -20.65 2.37 -7.59
C LYS D 32 -19.31 1.74 -7.21
N MET D 33 -19.20 1.39 -5.94
CA MET D 33 -18.06 0.72 -5.32
C MET D 33 -18.48 -0.64 -4.73
N GLY D 34 -19.79 -0.82 -4.43
CA GLY D 34 -20.31 -2.07 -3.88
C GLY D 34 -21.79 -1.99 -3.52
N GLU D 35 -22.38 -3.13 -3.15
CA GLU D 35 -23.79 -3.27 -2.79
C GLU D 35 -23.94 -4.47 -1.84
N GLY D 36 -25.18 -4.74 -1.35
CA GLY D 36 -25.48 -5.87 -0.49
C GLY D 36 -25.90 -5.39 0.88
N GLY D 37 -25.20 -4.36 1.44
CA GLY D 37 -25.50 -3.84 2.78
C GLY D 37 -26.75 -2.96 2.82
N PHE D 38 -27.88 -3.50 2.30
CA PHE D 38 -29.18 -2.82 2.22
C PHE D 38 -29.11 -1.47 1.47
N GLY D 39 -28.19 -1.37 0.50
CA GLY D 39 -28.01 -0.19 -0.30
C GLY D 39 -26.76 -0.28 -1.18
N VAL D 40 -26.66 0.64 -2.13
CA VAL D 40 -25.54 0.75 -3.05
C VAL D 40 -24.66 1.87 -2.47
N VAL D 41 -23.35 1.80 -2.71
CA VAL D 41 -22.40 2.83 -2.26
C VAL D 41 -21.75 3.43 -3.50
N TYR D 42 -21.73 4.78 -3.62
CA TYR D 42 -21.11 5.48 -4.76
C TYR D 42 -20.05 6.46 -4.29
N LYS D 43 -18.98 6.62 -5.09
CA LYS D 43 -17.91 7.58 -4.83
C LYS D 43 -18.47 8.96 -5.19
N GLY D 44 -18.24 9.97 -4.35
CA GLY D 44 -18.71 11.33 -4.58
C GLY D 44 -17.63 12.31 -4.18
N TYR D 45 -17.86 13.61 -4.42
CA TYR D 45 -16.93 14.69 -4.06
C TYR D 45 -17.70 15.87 -3.50
N VAL D 46 -17.59 16.11 -2.19
CA VAL D 46 -18.21 17.26 -1.52
C VAL D 46 -17.03 18.20 -1.24
N ASN D 47 -16.94 19.33 -1.95
CA ASN D 47 -15.82 20.27 -1.85
C ASN D 47 -14.62 19.55 -2.52
N ASN D 48 -13.53 19.36 -1.76
CA ASN D 48 -12.35 18.63 -2.18
C ASN D 48 -12.33 17.23 -1.50
N THR D 49 -13.33 16.96 -0.64
CA THR D 49 -13.40 15.72 0.13
C THR D 49 -14.05 14.59 -0.68
N THR D 50 -13.32 13.47 -0.87
CA THR D 50 -13.90 12.28 -1.51
C THR D 50 -14.79 11.64 -0.45
N VAL D 51 -16.02 11.32 -0.80
CA VAL D 51 -16.98 10.73 0.12
C VAL D 51 -17.54 9.47 -0.48
N ALA D 52 -18.21 8.68 0.37
CA ALA D 52 -18.88 7.45 -0.01
C ALA D 52 -20.35 7.67 0.37
N VAL D 53 -21.26 7.66 -0.65
CA VAL D 53 -22.70 7.90 -0.48
C VAL D 53 -23.42 6.57 -0.59
N LYS D 54 -23.96 6.10 0.54
CA LYS D 54 -24.71 4.87 0.57
C LYS D 54 -26.18 5.23 0.34
N LYS D 55 -26.67 4.98 -0.89
CA LYS D 55 -28.08 5.19 -1.22
C LYS D 55 -28.77 3.86 -0.85
N LEU D 56 -29.64 3.91 0.17
CA LEU D 56 -30.36 2.74 0.67
C LEU D 56 -31.36 2.21 -0.37
N ALA D 57 -31.43 0.87 -0.53
CA ALA D 57 -32.31 0.20 -1.50
C ALA D 57 -33.58 -0.37 -0.84
N ALA D 58 -33.59 -1.67 -0.41
CA ALA D 58 -34.76 -2.30 0.20
N THR D 63 -39.17 -3.71 2.01
CA THR D 63 -40.08 -2.78 2.69
C THR D 63 -39.37 -1.47 3.04
N THR D 64 -40.02 -0.33 2.74
CA THR D 64 -39.51 1.02 2.99
C THR D 64 -39.45 1.36 4.49
N GLU D 65 -40.44 0.92 5.30
CA GLU D 65 -40.45 1.20 6.74
C GLU D 65 -39.34 0.45 7.50
N GLU D 66 -39.03 -0.81 7.11
CA GLU D 66 -37.95 -1.57 7.73
C GLU D 66 -36.58 -0.92 7.45
N LEU D 67 -36.37 -0.47 6.21
CA LEU D 67 -35.14 0.21 5.79
C LEU D 67 -34.99 1.61 6.43
N LYS D 68 -36.13 2.27 6.76
CA LYS D 68 -36.15 3.56 7.41
C LYS D 68 -35.63 3.45 8.85
N GLN D 69 -36.03 2.40 9.59
CA GLN D 69 -35.60 2.25 10.99
C GLN D 69 -34.09 1.86 11.03
N GLN D 70 -33.60 1.16 9.97
CA GLN D 70 -32.19 0.78 9.80
C GLN D 70 -31.32 2.03 9.55
N PHE D 71 -31.83 2.98 8.76
CA PHE D 71 -31.22 4.28 8.47
C PHE D 71 -31.06 5.07 9.78
N ASP D 72 -32.13 5.11 10.59
CA ASP D 72 -32.15 5.81 11.88
C ASP D 72 -31.22 5.14 12.91
N GLN D 73 -31.12 3.79 12.89
CA GLN D 73 -30.23 3.03 13.79
C GLN D 73 -28.77 3.37 13.49
N GLU D 74 -28.44 3.39 12.16
CA GLU D 74 -27.12 3.76 11.62
C GLU D 74 -26.69 5.11 12.17
N ILE D 75 -27.58 6.12 12.10
CA ILE D 75 -27.31 7.48 12.61
C ILE D 75 -27.15 7.46 14.14
N LYS D 76 -28.06 6.78 14.87
CA LYS D 76 -28.05 6.68 16.34
C LYS D 76 -26.76 6.05 16.89
N VAL D 77 -26.32 4.89 16.34
CA VAL D 77 -25.09 4.21 16.76
C VAL D 77 -23.89 5.11 16.45
N MET D 78 -23.88 5.73 15.24
CA MET D 78 -22.79 6.62 14.82
C MET D 78 -22.69 7.89 15.63
N ALA D 79 -23.82 8.41 16.08
CA ALA D 79 -23.84 9.63 16.89
C ALA D 79 -23.16 9.36 18.23
N LYS D 80 -23.42 8.17 18.80
CA LYS D 80 -22.92 7.71 20.11
C LYS D 80 -21.52 7.04 20.06
N CYS D 81 -21.15 6.43 18.92
CA CYS D 81 -19.91 5.66 18.78
C CYS D 81 -18.94 6.27 17.77
N GLN D 82 -17.88 6.94 18.25
CA GLN D 82 -16.79 7.47 17.42
C GLN D 82 -15.52 6.75 17.86
N HIS D 83 -14.82 6.14 16.91
CA HIS D 83 -13.60 5.42 17.22
C HIS D 83 -12.79 5.30 15.96
N GLU D 84 -11.46 5.29 16.07
CA GLU D 84 -10.62 5.17 14.87
C GLU D 84 -10.83 3.87 14.08
N ASN D 85 -11.44 2.81 14.66
CA ASN D 85 -11.69 1.56 13.94
C ASN D 85 -13.15 1.39 13.56
N LEU D 86 -13.90 2.49 13.47
CA LEU D 86 -15.28 2.49 12.96
C LEU D 86 -15.31 3.51 11.83
N VAL D 87 -16.09 3.27 10.78
CA VAL D 87 -16.22 4.25 9.69
C VAL D 87 -16.82 5.52 10.24
N GLU D 88 -16.45 6.67 9.67
CA GLU D 88 -17.01 7.93 10.14
C GLU D 88 -18.16 8.40 9.24
N LEU D 89 -19.33 8.64 9.85
CA LEU D 89 -20.50 9.18 9.16
C LEU D 89 -20.35 10.71 9.15
N LEU D 90 -20.33 11.31 7.95
CA LEU D 90 -20.22 12.76 7.77
C LEU D 90 -21.60 13.40 7.73
N GLY D 91 -22.55 12.75 7.05
CA GLY D 91 -23.89 13.29 6.93
C GLY D 91 -24.89 12.30 6.36
N PHE D 92 -26.09 12.82 6.08
CA PHE D 92 -27.22 12.05 5.59
C PHE D 92 -28.20 12.92 4.78
N SER D 93 -29.11 12.24 4.07
CA SER D 93 -30.19 12.88 3.35
C SER D 93 -31.45 12.03 3.46
N SER D 94 -32.55 12.66 3.92
CA SER D 94 -33.90 12.08 4.07
C SER D 94 -34.92 12.74 3.13
N ASP D 95 -34.79 14.08 2.93
CA ASP D 95 -35.66 14.93 2.10
C ASP D 95 -35.99 14.41 0.70
N GLY D 96 -35.13 13.60 0.06
CA GLY D 96 -35.43 13.06 -1.27
C GLY D 96 -36.20 11.74 -1.22
N ASP D 97 -36.25 11.01 -2.36
CA ASP D 97 -36.95 9.71 -2.43
C ASP D 97 -36.14 8.67 -1.68
N ASP D 98 -34.90 8.42 -2.17
CA ASP D 98 -34.02 7.42 -1.58
C ASP D 98 -33.25 8.01 -0.40
N LEU D 99 -33.13 7.23 0.69
CA LEU D 99 -32.39 7.61 1.90
C LEU D 99 -30.88 7.45 1.61
N CYS D 100 -30.08 8.49 1.95
CA CYS D 100 -28.62 8.48 1.70
C CYS D 100 -27.83 8.66 3.00
N LEU D 101 -26.70 7.94 3.12
CA LEU D 101 -25.78 8.10 4.24
C LEU D 101 -24.41 8.40 3.65
N VAL D 102 -23.76 9.46 4.14
CA VAL D 102 -22.48 9.93 3.61
C VAL D 102 -21.39 9.65 4.66
N TYR D 103 -20.29 9.06 4.21
CA TYR D 103 -19.16 8.70 5.05
C TYR D 103 -17.88 9.22 4.48
N VAL D 104 -16.81 9.12 5.28
CA VAL D 104 -15.48 9.44 4.81
C VAL D 104 -15.14 8.29 3.84
N TYR D 105 -14.58 8.62 2.67
CA TYR D 105 -14.21 7.64 1.65
C TYR D 105 -13.05 6.75 2.17
N MET D 106 -13.15 5.45 1.93
CA MET D 106 -12.17 4.46 2.33
C MET D 106 -11.46 4.06 1.02
N PRO D 107 -10.28 4.65 0.72
CA PRO D 107 -9.58 4.39 -0.54
C PRO D 107 -9.15 2.95 -0.82
N ASN D 108 -9.03 2.08 0.19
CA ASN D 108 -8.64 0.70 -0.04
C ASN D 108 -9.83 -0.28 0.04
N GLY D 109 -11.07 0.23 -0.07
CA GLY D 109 -12.27 -0.60 -0.13
C GLY D 109 -12.44 -1.52 1.07
N SER D 110 -13.02 -2.71 0.83
CA SER D 110 -13.26 -3.67 1.90
C SER D 110 -12.13 -4.67 2.01
N LEU D 111 -12.07 -5.32 3.19
CA LEU D 111 -11.10 -6.37 3.45
C LEU D 111 -11.39 -7.56 2.50
N LEU D 112 -12.67 -7.84 2.20
CA LEU D 112 -13.02 -8.93 1.27
C LEU D 112 -12.40 -8.66 -0.12
N ASP D 113 -12.55 -7.44 -0.65
CA ASP D 113 -11.97 -7.04 -1.94
C ASP D 113 -10.45 -7.19 -1.96
N ARG D 114 -9.79 -6.78 -0.86
CA ARG D 114 -8.34 -6.84 -0.78
C ARG D 114 -7.84 -8.24 -0.59
N LEU D 115 -8.61 -9.10 0.11
CA LEU D 115 -8.20 -10.52 0.26
C LEU D 115 -8.37 -11.25 -1.08
N SER D 116 -9.31 -10.80 -1.92
CA SER D 116 -9.50 -11.44 -3.21
C SER D 116 -8.69 -10.74 -4.31
N CYS D 117 -7.89 -9.69 -3.98
CA CYS D 117 -7.07 -8.91 -4.92
C CYS D 117 -7.90 -8.36 -6.05
N LEU D 118 -9.12 -7.91 -5.72
CA LEU D 118 -10.06 -7.38 -6.68
C LEU D 118 -9.47 -6.18 -7.44
N ASP D 119 -9.68 -6.13 -8.77
CA ASP D 119 -9.21 -5.05 -9.66
C ASP D 119 -7.68 -4.91 -9.72
N GLY D 120 -6.93 -6.00 -9.50
CA GLY D 120 -5.48 -5.98 -9.66
C GLY D 120 -4.68 -5.48 -8.50
N THR D 121 -5.29 -5.31 -7.31
CA THR D 121 -4.54 -4.82 -6.16
C THR D 121 -3.57 -5.91 -5.67
N PRO D 122 -2.37 -5.54 -5.15
CA PRO D 122 -1.45 -6.56 -4.68
C PRO D 122 -1.98 -7.26 -3.41
N PRO D 123 -1.60 -8.53 -3.19
CA PRO D 123 -2.04 -9.23 -1.98
C PRO D 123 -1.62 -8.49 -0.71
N LEU D 124 -2.40 -8.62 0.37
CA LEU D 124 -2.05 -8.01 1.64
C LEU D 124 -0.95 -8.87 2.26
N SER D 125 0.06 -8.23 2.84
CA SER D 125 1.14 -8.94 3.50
C SER D 125 0.62 -9.43 4.85
N TRP D 126 1.30 -10.41 5.44
CA TRP D 126 0.95 -10.91 6.76
C TRP D 126 1.03 -9.77 7.78
N HIS D 127 2.04 -8.88 7.66
CA HIS D 127 2.21 -7.74 8.53
C HIS D 127 0.96 -6.86 8.49
N MET D 128 0.44 -6.56 7.30
CA MET D 128 -0.78 -5.76 7.15
C MET D 128 -2.02 -6.51 7.68
N ARG D 129 -2.12 -7.81 7.42
CA ARG D 129 -3.25 -8.62 7.89
C ARG D 129 -3.33 -8.63 9.43
N CYS D 130 -2.16 -8.70 10.14
CA CYS D 130 -2.10 -8.63 11.60
C CYS D 130 -2.62 -7.29 12.11
N LYS D 131 -2.21 -6.18 11.49
CA LYS D 131 -2.69 -4.83 11.85
C LYS D 131 -4.21 -4.71 11.62
N ILE D 132 -4.69 -5.28 10.51
CA ILE D 132 -6.12 -5.24 10.19
C ILE D 132 -6.92 -6.06 11.22
N ALA D 133 -6.43 -7.26 11.60
CA ALA D 133 -7.10 -8.12 12.58
C ALA D 133 -7.19 -7.39 13.92
N GLN D 134 -6.09 -6.78 14.36
CA GLN D 134 -6.02 -6.02 15.61
C GLN D 134 -6.94 -4.81 15.57
N GLY D 135 -6.93 -4.05 14.46
CA GLY D 135 -7.79 -2.88 14.30
C GLY D 135 -9.25 -3.26 14.34
N ALA D 136 -9.64 -4.31 13.62
CA ALA D 136 -11.04 -4.76 13.59
C ALA D 136 -11.51 -5.21 15.00
N ALA D 137 -10.63 -5.90 15.78
CA ALA D 137 -10.91 -6.33 17.15
C ALA D 137 -11.07 -5.12 18.08
N ASN D 138 -10.28 -4.04 17.85
CA ASN D 138 -10.39 -2.80 18.62
C ASN D 138 -11.72 -2.12 18.34
N GLY D 139 -12.22 -2.16 17.09
CA GLY D 139 -13.51 -1.60 16.73
C GLY D 139 -14.67 -2.38 17.38
N ILE D 140 -14.61 -3.72 17.38
CA ILE D 140 -15.66 -4.56 18.00
C ILE D 140 -15.63 -4.34 19.52
N ASN D 141 -14.42 -4.18 20.12
CA ASN D 141 -14.28 -3.93 21.55
C ASN D 141 -14.98 -2.63 21.94
N PHE D 142 -14.77 -1.57 21.16
CA PHE D 142 -15.43 -0.29 21.39
C PHE D 142 -16.94 -0.43 21.32
N LEU D 143 -17.47 -1.20 20.35
CA LEU D 143 -18.92 -1.41 20.24
C LEU D 143 -19.47 -2.20 21.45
N HIS D 144 -18.76 -3.25 21.90
CA HIS D 144 -19.21 -4.08 23.03
C HIS D 144 -19.10 -3.31 24.34
N GLU D 145 -18.04 -2.50 24.51
CA GLU D 145 -17.88 -1.62 25.68
C GLU D 145 -19.05 -0.64 25.78
N ASN D 146 -19.57 -0.16 24.65
CA ASN D 146 -20.71 0.74 24.58
C ASN D 146 -22.06 -0.01 24.43
N HIS D 147 -22.08 -1.32 24.80
CA HIS D 147 -23.23 -2.20 24.82
C HIS D 147 -23.97 -2.27 23.49
N HIS D 148 -23.24 -2.38 22.36
CA HIS D 148 -23.83 -2.52 21.04
C HIS D 148 -23.40 -3.86 20.45
N ILE D 149 -24.32 -4.53 19.78
CA ILE D 149 -24.07 -5.80 19.11
C ILE D 149 -24.20 -5.44 17.64
N HIS D 150 -23.13 -5.65 16.85
CA HIS D 150 -23.11 -5.33 15.42
C HIS D 150 -24.12 -6.17 14.63
N ARG D 151 -24.07 -7.51 14.78
CA ARG D 151 -24.95 -8.50 14.11
C ARG D 151 -24.61 -8.80 12.65
N ASP D 152 -23.56 -8.17 12.06
CA ASP D 152 -23.17 -8.49 10.67
C ASP D 152 -21.67 -8.28 10.47
N ILE D 153 -20.87 -8.84 11.39
CA ILE D 153 -19.42 -8.79 11.29
C ILE D 153 -19.02 -9.72 10.14
N LYS D 154 -18.32 -9.17 9.14
CA LYS D 154 -17.82 -9.94 8.00
C LYS D 154 -16.78 -9.09 7.31
N SER D 155 -15.97 -9.70 6.44
CA SER D 155 -14.89 -8.98 5.76
C SER D 155 -15.39 -7.90 4.77
N ALA D 156 -16.59 -8.07 4.20
CA ALA D 156 -17.19 -7.04 3.36
C ALA D 156 -17.56 -5.78 4.18
N ASN D 157 -17.75 -5.92 5.53
CA ASN D 157 -18.08 -4.83 6.45
C ASN D 157 -16.88 -4.31 7.24
N ILE D 158 -15.66 -4.68 6.84
CA ILE D 158 -14.44 -4.13 7.41
C ILE D 158 -13.83 -3.35 6.24
N LEU D 159 -13.80 -2.05 6.36
CA LEU D 159 -13.25 -1.18 5.32
C LEU D 159 -11.86 -0.74 5.68
N LEU D 160 -11.09 -0.35 4.65
CA LEU D 160 -9.68 0.02 4.81
C LEU D 160 -9.39 1.42 4.31
N ASP D 161 -8.78 2.28 5.15
CA ASP D 161 -8.41 3.65 4.74
C ASP D 161 -7.07 3.63 3.95
N GLU D 162 -6.48 4.82 3.68
CA GLU D 162 -5.23 4.91 2.88
C GLU D 162 -4.02 4.16 3.50
N ALA D 163 -3.97 4.09 4.87
CA ALA D 163 -2.94 3.37 5.63
C ALA D 163 -3.36 1.92 5.92
N PHE D 164 -4.47 1.44 5.33
CA PHE D 164 -5.01 0.10 5.55
C PHE D 164 -5.46 -0.12 7.02
N THR D 165 -5.94 0.94 7.69
CA THR D 165 -6.50 0.87 9.05
C THR D 165 -7.89 0.26 8.89
N ALA D 166 -8.21 -0.78 9.69
CA ALA D 166 -9.51 -1.45 9.63
C ALA D 166 -10.59 -0.55 10.22
N LYS D 167 -11.70 -0.37 9.50
CA LYS D 167 -12.83 0.45 9.91
C LYS D 167 -14.11 -0.40 9.81
N ILE D 168 -14.73 -0.74 10.96
CA ILE D 168 -15.98 -1.50 11.00
C ILE D 168 -17.09 -0.60 10.42
N SER D 169 -17.95 -1.15 9.56
CA SER D 169 -19.05 -0.41 8.93
C SER D 169 -20.37 -1.16 9.05
N ASP D 170 -21.46 -0.54 8.58
CA ASP D 170 -22.81 -1.11 8.55
C ASP D 170 -23.36 -1.39 9.94
N PHE D 171 -23.90 -0.34 10.58
CA PHE D 171 -24.54 -0.41 11.90
C PHE D 171 -26.08 -0.33 11.77
N GLY D 172 -26.64 -0.64 10.59
CA GLY D 172 -28.09 -0.61 10.37
C GLY D 172 -28.81 -1.68 11.20
N LEU D 173 -28.25 -2.90 11.27
CA LEU D 173 -28.80 -4.02 12.03
C LEU D 173 -28.32 -4.04 13.50
N ALA D 174 -27.48 -3.07 13.93
CA ALA D 174 -26.93 -3.06 15.28
C ALA D 174 -28.00 -2.97 16.37
N ARG D 175 -27.76 -3.62 17.53
CA ARG D 175 -28.68 -3.66 18.67
C ARG D 175 -28.01 -3.29 19.98
N ALA D 176 -28.67 -2.44 20.80
CA ALA D 176 -28.13 -2.03 22.10
C ALA D 176 -28.50 -3.10 23.15
N SER D 177 -27.54 -3.44 24.05
CA SER D 177 -27.69 -4.42 25.12
C SER D 177 -27.38 -3.76 26.49
N GLU D 178 -27.92 -2.53 26.71
CA GLU D 178 -27.73 -1.76 27.94
N TPO D 183 -29.33 -12.13 26.97
CA TPO D 183 -29.58 -12.70 25.65
CB TPO D 183 -29.05 -14.14 25.44
CG2 TPO D 183 -29.31 -14.69 24.03
OG1 TPO D 183 -27.62 -14.08 25.54
P TPO D 183 -27.00 -14.69 26.81
O1P TPO D 183 -25.48 -14.56 26.60
O2P TPO D 183 -27.38 -16.17 27.04
O3P TPO D 183 -27.42 -13.95 28.09
C TPO D 183 -31.07 -12.53 25.28
O TPO D 183 -31.95 -13.07 25.95
N VAL D 184 -31.31 -11.80 24.17
CA VAL D 184 -32.65 -11.48 23.65
C VAL D 184 -32.94 -12.47 22.52
N MET D 185 -34.20 -12.58 22.10
CA MET D 185 -34.61 -13.40 20.96
C MET D 185 -35.37 -12.53 19.97
N TPO D 186 -35.30 -12.88 18.67
CA TPO D 186 -35.97 -12.14 17.59
CB TPO D 186 -35.01 -11.13 16.82
CG2 TPO D 186 -33.89 -11.83 16.00
OG1 TPO D 186 -35.76 -10.27 15.88
P TPO D 186 -36.42 -8.94 16.41
O1P TPO D 186 -36.28 -7.88 15.33
O2P TPO D 186 -37.92 -9.18 16.61
O3P TPO D 186 -35.83 -8.30 17.69
C TPO D 186 -36.68 -13.05 16.59
O TPO D 186 -36.28 -14.20 16.39
N SEP D 187 -37.74 -12.52 15.97
CA SEP D 187 -38.50 -13.20 14.92
CB SEP D 187 -39.99 -12.94 14.97
OG SEP D 187 -40.32 -11.57 15.34
C SEP D 187 -37.90 -12.88 13.54
O SEP D 187 -38.09 -13.66 12.60
P SEP D 187 -41.85 -11.45 15.67
O1P SEP D 187 -42.70 -11.87 14.43
O2P SEP D 187 -42.13 -9.98 16.02
O3P SEP D 187 -42.22 -12.31 16.92
N ARG D 188 -37.15 -11.74 13.42
CA ARG D 188 -36.48 -11.34 12.19
C ARG D 188 -34.99 -11.66 12.28
N ILE D 189 -34.60 -12.87 11.82
CA ILE D 189 -33.22 -13.34 11.81
C ILE D 189 -32.50 -12.63 10.66
N VAL D 190 -31.47 -11.83 10.97
CA VAL D 190 -30.68 -11.06 10.00
C VAL D 190 -29.19 -11.35 10.15
N GLY D 191 -28.43 -11.11 9.08
CA GLY D 191 -26.98 -11.31 9.03
C GLY D 191 -26.60 -12.11 7.80
N THR D 192 -25.33 -12.56 7.74
CA THR D 192 -24.79 -13.32 6.60
C THR D 192 -24.49 -14.72 7.05
N THR D 193 -25.27 -15.68 6.54
CA THR D 193 -25.26 -17.10 6.86
C THR D 193 -23.88 -17.71 7.10
N ALA D 194 -22.96 -17.50 6.15
CA ALA D 194 -21.60 -18.06 6.21
C ALA D 194 -20.76 -17.58 7.41
N TYR D 195 -21.13 -16.44 8.02
CA TYR D 195 -20.45 -15.86 9.19
C TYR D 195 -21.24 -16.01 10.48
N MET D 196 -22.50 -16.49 10.44
CA MET D 196 -23.33 -16.48 11.65
C MET D 196 -23.10 -17.62 12.61
N ALA D 197 -23.10 -17.30 13.92
CA ALA D 197 -23.03 -18.29 15.01
C ALA D 197 -24.33 -19.13 14.98
N PRO D 198 -24.31 -20.40 15.48
CA PRO D 198 -25.54 -21.20 15.49
C PRO D 198 -26.71 -20.52 16.23
N GLU D 199 -26.44 -19.90 17.38
CA GLU D 199 -27.50 -19.23 18.15
C GLU D 199 -28.08 -18.01 17.41
N ALA D 200 -27.25 -17.26 16.62
CA ALA D 200 -27.74 -16.13 15.82
C ALA D 200 -28.64 -16.63 14.68
N LEU D 201 -28.34 -17.81 14.13
CA LEU D 201 -29.16 -18.42 13.09
C LEU D 201 -30.52 -18.90 13.66
N ARG D 202 -30.63 -19.04 14.99
CA ARG D 202 -31.85 -19.45 15.67
C ARG D 202 -32.64 -18.28 16.27
N GLY D 203 -32.19 -17.02 16.10
CA GLY D 203 -32.93 -15.86 16.60
C GLY D 203 -32.36 -15.23 17.85
N GLU D 204 -31.32 -15.81 18.49
CA GLU D 204 -30.75 -15.19 19.68
C GLU D 204 -29.94 -13.95 19.29
N ILE D 205 -29.92 -12.95 20.19
CA ILE D 205 -29.18 -11.71 20.01
C ILE D 205 -28.22 -11.61 21.19
N THR D 206 -26.90 -11.70 20.93
CA THR D 206 -25.87 -11.64 21.96
C THR D 206 -24.54 -11.15 21.35
N PRO D 207 -23.67 -10.45 22.13
CA PRO D 207 -22.38 -10.02 21.60
C PRO D 207 -21.46 -11.22 21.32
N LYS D 208 -21.77 -12.41 21.88
CA LYS D 208 -21.01 -13.63 21.65
C LYS D 208 -21.10 -14.08 20.17
N SER D 209 -22.17 -13.69 19.47
CA SER D 209 -22.34 -14.01 18.06
C SER D 209 -21.36 -13.18 17.19
N ASP D 210 -21.03 -11.93 17.62
CA ASP D 210 -20.08 -11.06 16.94
C ASP D 210 -18.66 -11.68 17.01
N ILE D 211 -18.34 -12.31 18.15
CA ILE D 211 -17.05 -12.99 18.37
C ILE D 211 -16.93 -14.16 17.40
N TYR D 212 -17.99 -14.95 17.23
CA TYR D 212 -18.01 -16.09 16.31
C TYR D 212 -17.75 -15.64 14.87
N SER D 213 -18.48 -14.61 14.43
CA SER D 213 -18.36 -14.01 13.10
C SER D 213 -16.94 -13.45 12.88
N PHE D 214 -16.34 -12.87 13.90
CA PHE D 214 -14.97 -12.37 13.83
C PHE D 214 -13.98 -13.54 13.65
N GLY D 215 -14.28 -14.73 14.23
CA GLY D 215 -13.47 -15.94 14.07
C GLY D 215 -13.45 -16.36 12.61
N VAL D 216 -14.59 -16.23 11.89
CA VAL D 216 -14.67 -16.53 10.46
C VAL D 216 -13.81 -15.49 9.68
N VAL D 217 -13.86 -14.20 10.06
CA VAL D 217 -13.06 -13.14 9.43
C VAL D 217 -11.57 -13.48 9.58
N LEU D 218 -11.15 -13.98 10.77
CA LEU D 218 -9.75 -14.36 11.01
C LEU D 218 -9.31 -15.49 10.09
N LEU D 219 -10.20 -16.48 9.81
CA LEU D 219 -9.87 -17.58 8.89
C LEU D 219 -9.73 -17.04 7.48
N GLU D 220 -10.59 -16.07 7.09
CA GLU D 220 -10.48 -15.46 5.77
C GLU D 220 -9.12 -14.75 5.62
N ILE D 221 -8.67 -14.06 6.70
CA ILE D 221 -7.39 -13.36 6.75
C ILE D 221 -6.21 -14.33 6.58
N ILE D 222 -6.23 -15.46 7.30
CA ILE D 222 -5.15 -16.48 7.23
C ILE D 222 -5.06 -17.13 5.86
N THR D 223 -6.21 -17.53 5.34
CA THR D 223 -6.33 -18.32 4.12
C THR D 223 -6.54 -17.56 2.83
N GLY D 224 -7.07 -16.33 2.88
CA GLY D 224 -7.43 -15.57 1.68
C GLY D 224 -8.65 -16.17 0.97
N LEU D 225 -9.35 -17.15 1.56
CA LEU D 225 -10.51 -17.80 0.94
C LEU D 225 -11.79 -17.13 1.42
N PRO D 226 -12.82 -16.99 0.57
CA PRO D 226 -14.10 -16.40 1.03
C PRO D 226 -14.83 -17.34 2.00
N ALA D 227 -15.64 -16.77 2.94
CA ALA D 227 -16.41 -17.54 3.93
C ALA D 227 -17.28 -18.62 3.28
N VAL D 228 -17.81 -18.34 2.11
CA VAL D 228 -18.59 -19.31 1.34
C VAL D 228 -18.17 -19.24 -0.14
N ASP D 229 -18.03 -20.41 -0.76
CA ASP D 229 -17.72 -20.52 -2.19
C ASP D 229 -18.51 -21.71 -2.71
N GLU D 230 -19.49 -21.43 -3.59
CA GLU D 230 -20.35 -22.43 -4.22
C GLU D 230 -19.54 -23.50 -4.96
N HIS D 231 -18.43 -23.09 -5.63
CA HIS D 231 -17.53 -24.00 -6.37
C HIS D 231 -16.26 -24.34 -5.54
N ARG D 232 -16.45 -24.91 -4.32
CA ARG D 232 -15.34 -25.30 -3.41
C ARG D 232 -15.78 -26.40 -2.44
N GLU D 233 -14.82 -27.14 -1.84
CA GLU D 233 -15.04 -28.19 -0.85
C GLU D 233 -14.02 -28.01 0.29
N PRO D 234 -14.45 -27.67 1.53
CA PRO D 234 -15.83 -27.41 1.97
C PRO D 234 -16.32 -26.09 1.40
N GLN D 235 -17.62 -25.99 1.14
CA GLN D 235 -18.20 -24.75 0.61
C GLN D 235 -18.10 -23.64 1.67
N LEU D 236 -18.18 -24.01 2.99
CA LEU D 236 -18.12 -23.07 4.11
C LEU D 236 -16.76 -23.13 4.80
N LEU D 237 -16.09 -21.96 4.89
CA LEU D 237 -14.76 -21.85 5.51
C LEU D 237 -14.72 -22.34 6.95
N LEU D 238 -15.84 -22.21 7.71
CA LEU D 238 -16.00 -22.66 9.13
C LEU D 238 -15.55 -24.10 9.31
N ASP D 239 -15.89 -24.94 8.32
CA ASP D 239 -15.62 -26.38 8.30
C ASP D 239 -14.13 -26.76 8.33
N ILE D 240 -13.19 -25.86 7.94
CA ILE D 240 -11.75 -26.18 7.99
C ILE D 240 -11.29 -26.38 9.44
N LYS D 241 -11.98 -25.75 10.41
CA LYS D 241 -11.66 -25.92 11.84
C LYS D 241 -11.74 -27.41 12.24
N GLU D 242 -12.73 -28.14 11.67
CA GLU D 242 -12.98 -29.55 11.95
C GLU D 242 -11.94 -30.40 11.22
N GLU D 243 -11.59 -30.05 9.95
CA GLU D 243 -10.54 -30.76 9.19
C GLU D 243 -9.19 -30.73 9.93
N ILE D 244 -8.85 -29.60 10.55
CA ILE D 244 -7.61 -29.42 11.29
C ILE D 244 -7.70 -30.12 12.66
N GLU D 245 -8.88 -30.05 13.32
CA GLU D 245 -9.12 -30.69 14.63
C GLU D 245 -9.06 -32.22 14.53
N ASP D 246 -9.66 -32.78 13.46
CA ASP D 246 -9.62 -34.23 13.23
C ASP D 246 -8.28 -34.67 12.57
N GLU D 247 -7.23 -33.79 12.63
CA GLU D 247 -5.86 -33.96 12.12
C GLU D 247 -5.78 -34.52 10.67
N GLU D 248 -6.82 -34.24 9.86
CA GLU D 248 -6.84 -34.65 8.45
C GLU D 248 -5.89 -33.70 7.68
N LYS D 249 -5.85 -32.42 8.12
CA LYS D 249 -5.02 -31.34 7.61
C LYS D 249 -4.49 -30.51 8.79
N THR D 250 -3.71 -29.47 8.49
CA THR D 250 -3.18 -28.49 9.47
C THR D 250 -3.43 -27.07 8.93
N ILE D 251 -3.30 -26.05 9.80
CA ILE D 251 -3.54 -24.67 9.34
C ILE D 251 -2.49 -24.26 8.29
N GLU D 252 -1.24 -24.79 8.38
CA GLU D 252 -0.18 -24.55 7.39
C GLU D 252 -0.60 -24.97 5.97
N ASP D 253 -1.47 -25.98 5.84
CA ASP D 253 -1.98 -26.41 4.52
C ASP D 253 -3.00 -25.40 3.95
N TYR D 254 -3.54 -24.51 4.80
CA TYR D 254 -4.54 -23.52 4.41
C TYR D 254 -4.03 -22.07 4.35
N ILE D 255 -2.80 -21.78 4.82
CA ILE D 255 -2.21 -20.42 4.77
C ILE D 255 -2.29 -19.89 3.33
N ASP D 256 -2.69 -18.61 3.20
CA ASP D 256 -2.75 -17.95 1.90
C ASP D 256 -1.33 -18.01 1.25
N LYS D 257 -1.23 -18.62 0.06
CA LYS D 257 0.03 -18.70 -0.69
C LYS D 257 0.44 -17.32 -1.25
N LYS D 258 -0.48 -16.34 -1.27
CA LYS D 258 -0.21 -15.01 -1.79
C LYS D 258 0.53 -14.10 -0.78
N MET D 259 1.38 -14.63 0.09
CA MET D 259 2.18 -13.80 0.98
C MET D 259 3.54 -14.44 1.19
N ASN D 260 4.55 -13.59 1.34
CA ASN D 260 5.95 -14.02 1.50
C ASN D 260 6.46 -13.84 2.94
N ASP D 261 5.73 -13.09 3.79
CA ASP D 261 6.16 -12.75 5.15
C ASP D 261 5.37 -13.42 6.27
N ALA D 262 4.58 -14.47 5.99
CA ALA D 262 3.81 -15.13 7.05
C ALA D 262 4.65 -16.19 7.74
N ASP D 263 4.90 -16.05 9.04
CA ASP D 263 5.64 -17.08 9.80
C ASP D 263 4.63 -18.00 10.50
N SER D 264 4.97 -19.28 10.59
CA SER D 264 4.13 -20.32 11.19
C SER D 264 3.69 -20.03 12.62
N THR D 265 4.57 -19.44 13.43
CA THR D 265 4.28 -19.14 14.83
C THR D 265 3.15 -18.11 14.98
N SER D 266 3.22 -16.97 14.28
CA SER D 266 2.16 -15.94 14.39
C SER D 266 0.87 -16.40 13.68
N VAL D 267 0.97 -17.17 12.58
CA VAL D 267 -0.21 -17.70 11.90
C VAL D 267 -0.96 -18.65 12.86
N GLU D 268 -0.21 -19.54 13.56
CA GLU D 268 -0.78 -20.47 14.52
C GLU D 268 -1.37 -19.73 15.70
N ALA D 269 -0.75 -18.61 16.11
CA ALA D 269 -1.29 -17.79 17.19
C ALA D 269 -2.61 -17.16 16.72
N MET D 270 -2.71 -16.66 15.44
CA MET D 270 -3.99 -16.09 14.95
C MET D 270 -5.03 -17.19 14.80
N TYR D 271 -4.63 -18.38 14.30
CA TYR D 271 -5.55 -19.51 14.13
C TYR D 271 -6.12 -19.96 15.48
N SER D 272 -5.30 -19.97 16.52
CA SER D 272 -5.74 -20.34 17.87
C SER D 272 -6.84 -19.38 18.36
N VAL D 273 -6.69 -18.06 18.08
CA VAL D 273 -7.70 -17.04 18.44
C VAL D 273 -8.98 -17.37 17.66
N ALA D 274 -8.87 -17.61 16.35
CA ALA D 274 -10.00 -17.92 15.48
C ALA D 274 -10.74 -19.17 15.96
N SER D 275 -9.99 -20.25 16.30
CA SER D 275 -10.54 -21.52 16.78
C SER D 275 -11.36 -21.31 18.05
N GLN D 276 -10.82 -20.55 19.01
CA GLN D 276 -11.52 -20.19 20.25
C GLN D 276 -12.81 -19.39 19.97
N CYS D 277 -12.73 -18.41 19.03
CA CYS D 277 -13.89 -17.59 18.60
C CYS D 277 -14.97 -18.47 18.02
N LEU D 278 -14.58 -19.50 17.29
CA LEU D 278 -15.51 -20.40 16.60
C LEU D 278 -16.05 -21.57 17.45
N HIS D 279 -15.93 -21.51 18.78
CA HIS D 279 -16.49 -22.54 19.66
C HIS D 279 -18.01 -22.53 19.45
N GLU D 280 -18.62 -23.69 19.18
CA GLU D 280 -20.07 -23.74 18.89
C GLU D 280 -20.94 -23.34 20.10
N LYS D 281 -20.43 -23.51 21.33
CA LYS D 281 -21.12 -23.11 22.55
C LYS D 281 -20.73 -21.67 22.83
N LYS D 282 -21.68 -20.73 22.70
CA LYS D 282 -21.48 -19.30 22.93
C LYS D 282 -20.74 -18.93 24.23
N ASN D 283 -21.02 -19.63 25.34
CA ASN D 283 -20.40 -19.32 26.64
C ASN D 283 -18.94 -19.75 26.75
N LYS D 284 -18.49 -20.66 25.88
CA LYS D 284 -17.11 -21.13 25.85
C LYS D 284 -16.19 -20.21 25.04
N ARG D 285 -16.76 -19.29 24.23
CA ARG D 285 -15.98 -18.36 23.42
C ARG D 285 -15.37 -17.29 24.28
N PRO D 286 -14.22 -16.73 23.88
CA PRO D 286 -13.64 -15.62 24.66
C PRO D 286 -14.45 -14.34 24.41
N ASP D 287 -14.35 -13.38 25.33
CA ASP D 287 -15.01 -12.09 25.12
C ASP D 287 -14.06 -11.27 24.21
N ILE D 288 -14.52 -10.13 23.68
CA ILE D 288 -13.71 -9.34 22.77
C ILE D 288 -12.40 -8.80 23.41
N LYS D 289 -12.40 -8.49 24.72
CA LYS D 289 -11.17 -7.99 25.40
C LYS D 289 -10.10 -9.07 25.38
N LYS D 290 -10.47 -10.34 25.55
CA LYS D 290 -9.53 -11.45 25.49
C LYS D 290 -9.02 -11.64 24.05
N VAL D 291 -9.91 -11.56 23.06
CA VAL D 291 -9.53 -11.68 21.63
C VAL D 291 -8.50 -10.58 21.30
N GLN D 292 -8.81 -9.34 21.71
CA GLN D 292 -7.96 -8.16 21.54
C GLN D 292 -6.58 -8.38 22.20
N GLN D 293 -6.56 -8.95 23.43
CA GLN D 293 -5.31 -9.24 24.17
C GLN D 293 -4.49 -10.28 23.43
N LEU D 294 -5.13 -11.39 23.00
CA LEU D 294 -4.43 -12.45 22.28
C LEU D 294 -3.83 -11.98 20.94
N LEU D 295 -4.55 -11.11 20.20
CA LEU D 295 -4.05 -10.57 18.94
C LEU D 295 -2.88 -9.61 19.21
N GLN D 296 -2.86 -8.88 20.33
CA GLN D 296 -1.73 -8.01 20.69
C GLN D 296 -0.46 -8.83 21.02
N GLU D 297 -0.63 -9.95 21.76
CA GLU D 297 0.48 -10.85 22.14
C GLU D 297 1.09 -11.57 20.93
N MET D 298 0.29 -11.77 19.87
CA MET D 298 0.71 -12.42 18.62
C MET D 298 1.82 -11.59 17.91
N THR D 299 1.79 -10.24 18.01
CA THR D 299 2.79 -9.36 17.42
C THR D 299 3.85 -8.89 18.45
N ALA D 300 3.62 -9.09 19.76
CA ALA D 300 4.56 -8.71 20.82
C01 4S3 E . 12.21 -20.38 -12.21
N02 4S3 E . 11.89 -19.53 -11.21
C03 4S3 E . 12.60 -18.40 -10.99
N04 4S3 E . 13.66 -18.09 -11.80
C05 4S3 E . 14.09 -18.87 -12.86
C06 4S3 E . 13.34 -20.08 -13.09
N07 4S3 E . 11.43 -21.50 -12.38
N08 4S3 E . 12.21 -17.55 -9.91
O09 4S3 E . 15.06 -18.49 -13.52
C10 4S3 E . 13.72 -20.98 -14.19
C11 4S3 E . 10.47 -22.14 -11.49
C12 4S3 E . 9.33 -21.13 -11.06
N13 4S3 E . 8.25 -21.81 -10.33
C14 4S3 E . 7.72 -23.07 -10.87
C15 4S3 E . 8.78 -24.01 -11.36
C16 4S3 E . 9.82 -23.32 -12.23
C17 4S3 E . 11.74 -18.16 -8.65
C18 4S3 E . 10.98 -17.15 -7.82
O19 4S3 E . 11.76 -15.98 -7.59
C20 4S3 E . 12.08 -15.36 -8.83
C21 4S3 E . 12.91 -16.27 -9.69
S22 4S3 E . 14.81 -20.58 -15.49
C23 4S3 E . 14.54 -22.16 -16.16
C24 4S3 E . 13.67 -22.87 -15.34
N25 4S3 E . 13.21 -22.18 -14.23
C26 4S3 E . 15.05 -22.73 -17.33
C27 4S3 E . 14.68 -24.03 -17.66
C28 4S3 E . 13.82 -24.75 -16.85
C29 4S3 E . 13.30 -24.18 -15.70
C01 4S3 F . 1.85 10.66 24.66
N02 4S3 F . 2.09 9.86 23.59
C03 4S3 F . 1.43 8.71 23.44
N04 4S3 F . 0.52 8.32 24.37
C05 4S3 F . 0.19 9.05 25.52
C06 4S3 F . 0.91 10.29 25.69
N07 4S3 F . 2.55 11.82 24.72
N08 4S3 F . 1.72 7.91 22.28
O09 4S3 F . -0.64 8.59 26.30
C10 4S3 F . 0.62 11.15 26.85
C11 4S3 F . 3.79 12.13 24.02
C12 4S3 F . 3.44 12.48 22.57
N13 4S3 F . 4.69 12.81 21.90
C14 4S3 F . 5.49 13.92 22.39
C15 4S3 F . 5.67 13.82 23.86
C16 4S3 F . 4.41 13.39 24.63
C17 4S3 F . 3.12 7.79 21.83
C18 4S3 F . 3.17 7.25 20.43
O19 4S3 F . 2.46 6.03 20.30
C20 4S3 F . 1.10 6.24 20.62
C21 4S3 F . 0.96 6.68 22.05
S22 4S3 F . -0.74 10.97 27.93
C23 4S3 F . -0.20 12.38 28.80
C24 4S3 F . 0.96 12.87 28.21
N25 4S3 F . 1.41 12.16 27.09
C26 4S3 F . -0.77 13.02 29.90
C27 4S3 F . -0.15 14.15 30.42
C28 4S3 F . 1.01 14.65 29.84
C29 4S3 F . 1.57 14.02 28.73
C01 4S3 G . 1.80 10.54 -12.92
N02 4S3 G . 0.95 10.54 -11.85
C03 4S3 G . 0.14 9.51 -11.60
N04 4S3 G . 0.14 8.42 -12.42
C05 4S3 G . 0.93 8.29 -13.55
C06 4S3 G . 1.81 9.41 -13.84
N07 4S3 G . 2.57 11.65 -13.08
N08 4S3 G . -0.69 9.58 -10.49
O09 4S3 G . 0.85 7.28 -14.24
C10 4S3 G . 2.75 9.28 -14.97
C11 4S3 G . 2.59 12.80 -12.19
C12 4S3 G . 3.54 12.48 -10.98
N13 4S3 G . 3.75 13.64 -10.10
C14 4S3 G . 4.05 14.94 -10.75
C15 4S3 G . 3.21 15.22 -11.97
C16 4S3 G . 3.16 14.02 -12.90
C17 4S3 G . -0.73 10.83 -9.70
C18 4S3 G . -1.29 10.57 -8.33
O19 4S3 G . -2.57 9.93 -8.39
C20 4S3 G . -2.45 8.69 -9.05
C21 4S3 G . -1.98 8.87 -10.47
S22 4S3 G . 2.92 7.76 -15.82
C23 4S3 G . 4.19 8.48 -16.77
C24 4S3 G . 4.42 9.78 -16.33
N25 4S3 G . 3.60 10.21 -15.28
C26 4S3 G . 4.98 7.89 -17.75
C27 4S3 G . 5.96 8.66 -18.36
C28 4S3 G . 6.19 9.97 -17.95
C29 4S3 G . 5.43 10.54 -16.92
C01 4S3 H . -16.52 1.04 -0.38
N02 4S3 H . -15.59 0.90 -1.36
C03 4S3 H . -14.66 1.82 -1.59
N04 4S3 H . -14.61 2.96 -0.82
C05 4S3 H . -15.49 3.24 0.21
C06 4S3 H . -16.51 2.25 0.44
N07 4S3 H . -17.45 0.06 -0.20
N08 4S3 H . -13.72 1.59 -2.65
O09 4S3 H . -15.36 4.28 0.85
C10 4S3 H . -17.46 2.44 1.55
C11 4S3 H . -17.60 -1.23 -0.87
C12 4S3 H . -16.25 -1.99 -1.14
N13 4S3 H . -16.64 -3.19 -1.87
C14 4S3 H . -17.43 -4.18 -1.12
C15 4S3 H . -18.70 -3.50 -0.67
C16 4S3 H . -18.46 -2.14 -0.01
C17 4S3 H . -14.06 0.65 -3.73
C18 4S3 H . -12.81 0.17 -4.43
O19 4S3 H . -12.03 1.26 -4.91
C20 4S3 H . -11.64 2.09 -3.83
C21 4S3 H . -12.84 2.67 -3.12
S22 4S3 H . -17.25 3.67 2.76
C23 4S3 H . -18.66 3.04 3.58
C24 4S3 H . -19.17 1.95 2.88
N25 4S3 H . -18.45 1.61 1.73
C26 4S3 H . -19.25 3.48 4.77
C27 4S3 H . -20.38 2.81 5.23
C28 4S3 H . -20.89 1.72 4.54
C29 4S3 H . -20.28 1.27 3.36
#